data_5N55
#
_entry.id   5N55
#
_cell.length_a   66.219
_cell.length_b   155.191
_cell.length_c   267.733
_cell.angle_alpha   90.000
_cell.angle_beta   90.000
_cell.angle_gamma   90.000
#
_symmetry.space_group_name_H-M   'F 2 2 2'
#
loop_
_entity.id
_entity.type
_entity.pdbx_description
1 polymer 'Class B metallo-beta-lactamase'
2 non-polymer 'ZINC ION'
3 non-polymer (1-chloro-4-hydroxyisoquinoline-3-carbonyl)-L-tryptophan
4 water water
#
_entity_poly.entity_id   1
_entity_poly.type   'polypeptide(L)'
_entity_poly.pdbx_seq_one_letter_code
;MLKVISSLLVYMTASVMAVASPLAHSGEPSGEYPTVNEIPVGEVRLYQIADGVWSHIATQSFDGAVYPSNGLIVRDGDEL
LLIDTAWGAKNTAALLAEIEKQIGLPVTRAVSTHFHDDRVGGVDVLRKAGVATYASPSTRRLAEAEGNEIPTHSLEGLSS
SGDAVRFGPVELFYPGAAHSTDNLVVYVPSANVLYGG(00C)AVLALSRTSAGNVADADLAEWPTSVERIQKHYPEAEVV
IPGHGLPGGLDLLQHTANVVTAHKNRSVAE
;
_entity_poly.pdbx_strand_id   A,B,C
#
# COMPACT_ATOMS: atom_id res chain seq x y z
N GLU A 32 16.83 23.38 -10.60
CA GLU A 32 16.41 23.93 -11.88
C GLU A 32 15.31 23.09 -12.61
N TYR A 33 14.92 21.92 -12.08
CA TYR A 33 13.82 21.16 -12.73
C TYR A 33 12.48 21.85 -12.47
N PRO A 34 11.68 22.15 -13.50
CA PRO A 34 10.42 22.88 -13.25
C PRO A 34 9.51 22.16 -12.27
N THR A 35 8.79 22.94 -11.46
CA THR A 35 7.79 22.43 -10.52
C THR A 35 6.41 23.00 -10.84
N VAL A 36 5.38 22.47 -10.17
CA VAL A 36 4.01 22.87 -10.51
C VAL A 36 3.81 24.37 -10.28
N ASN A 37 4.44 24.92 -9.24
CA ASN A 37 4.33 26.36 -8.99
C ASN A 37 4.93 27.17 -10.13
N GLU A 38 5.95 26.63 -10.81
CA GLU A 38 6.68 27.37 -11.83
C GLU A 38 6.12 27.18 -13.23
N ILE A 39 5.17 26.27 -13.43
CA ILE A 39 4.50 26.07 -14.71
C ILE A 39 3.04 26.40 -14.52
N PRO A 40 2.43 27.26 -15.33
CA PRO A 40 0.98 27.42 -15.30
C PRO A 40 0.28 26.38 -16.18
N VAL A 41 -0.95 26.04 -15.76
CA VAL A 41 -1.76 25.08 -16.53
C VAL A 41 -2.04 25.66 -17.89
N GLY A 42 -1.62 24.96 -18.94
CA GLY A 42 -1.61 25.48 -20.29
C GLY A 42 -0.20 25.76 -20.82
N GLU A 43 0.78 25.95 -19.94
CA GLU A 43 2.16 26.15 -20.33
C GLU A 43 2.90 24.82 -20.28
N VAL A 44 3.93 24.71 -21.11
CA VAL A 44 4.79 23.52 -21.12
C VAL A 44 6.24 24.00 -21.08
N ARG A 45 7.06 23.31 -20.31
CA ARG A 45 8.48 23.57 -20.26
C ARG A 45 9.24 22.34 -20.75
N LEU A 46 10.36 22.58 -21.40
CA LEU A 46 11.27 21.51 -21.77
C LEU A 46 12.54 21.62 -20.95
N TYR A 47 13.16 20.47 -20.71
CA TYR A 47 14.29 20.37 -19.79
C TYR A 47 15.29 19.38 -20.37
N GLN A 48 16.50 19.84 -20.71
CA GLN A 48 17.45 18.94 -21.34
C GLN A 48 18.02 18.00 -20.29
N ILE A 49 18.03 16.71 -20.58
CA ILE A 49 18.57 15.71 -19.69
C ILE A 49 19.94 15.25 -20.16
N ALA A 50 20.07 15.14 -21.46
CA ALA A 50 21.30 14.73 -22.10
C ALA A 50 21.27 15.27 -23.51
N ASP A 51 22.43 15.16 -24.16
CA ASP A 51 22.53 15.34 -25.60
C ASP A 51 21.39 14.60 -26.29
N GLY A 52 20.45 15.35 -26.87
CA GLY A 52 19.41 14.73 -27.68
C GLY A 52 18.23 14.20 -26.89
N VAL A 53 18.17 14.43 -25.58
CA VAL A 53 17.12 13.92 -24.71
C VAL A 53 16.61 15.04 -23.81
N TRP A 54 15.28 15.26 -23.85
CA TRP A 54 14.59 16.23 -23.02
C TRP A 54 13.42 15.57 -22.32
N SER A 55 13.01 16.15 -21.19
CA SER A 55 11.71 15.85 -20.64
C SER A 55 10.82 17.04 -20.93
N HIS A 56 9.53 16.78 -21.07
CA HIS A 56 8.55 17.85 -21.19
C HIS A 56 7.66 17.81 -19.97
N ILE A 57 7.56 18.95 -19.27
CA ILE A 57 6.79 19.04 -18.03
C ILE A 57 5.58 19.93 -18.25
N ALA A 58 4.43 19.40 -17.87
CA ALA A 58 3.19 20.14 -17.93
C ALA A 58 2.50 19.99 -16.58
N THR A 59 1.45 20.78 -16.42
CA THR A 59 0.61 20.74 -15.22
C THR A 59 -0.84 20.58 -15.66
N GLN A 60 -1.65 20.01 -14.78
CA GLN A 60 -3.06 19.86 -15.09
C GLN A 60 -3.85 19.85 -13.79
N SER A 61 -5.13 20.26 -13.88
CA SER A 61 -6.06 20.09 -12.76
C SER A 61 -6.66 18.69 -12.84
N PHE A 62 -6.64 17.98 -11.71
CA PHE A 62 -7.10 16.60 -11.69
C PHE A 62 -7.40 16.14 -10.27
N ASP A 63 -8.57 15.54 -10.08
CA ASP A 63 -8.93 14.95 -8.79
C ASP A 63 -8.78 15.96 -7.65
N GLY A 64 -9.12 17.21 -7.93
CA GLY A 64 -9.10 18.24 -6.90
C GLY A 64 -7.76 18.91 -6.69
N ALA A 65 -6.75 18.57 -7.50
CA ALA A 65 -5.39 18.98 -7.30
C ALA A 65 -4.80 19.56 -8.59
N VAL A 66 -3.68 20.24 -8.48
CA VAL A 66 -2.88 20.60 -9.65
C VAL A 66 -1.61 19.79 -9.57
N TYR A 67 -1.34 19.00 -10.62
CA TYR A 67 -0.20 18.09 -10.65
C TYR A 67 0.71 18.39 -11.82
N PRO A 68 2.01 18.26 -11.62
CA PRO A 68 2.94 18.25 -12.74
C PRO A 68 2.97 16.87 -13.37
N SER A 69 3.44 16.82 -14.62
CA SER A 69 3.56 15.54 -15.29
C SER A 69 4.76 15.56 -16.22
N ASN A 70 5.44 14.43 -16.34
CA ASN A 70 6.62 14.31 -17.18
C ASN A 70 6.39 13.49 -18.45
N GLY A 71 7.12 13.87 -19.51
CA GLY A 71 7.25 13.09 -20.71
C GLY A 71 8.67 13.19 -21.24
N LEU A 72 8.87 12.61 -22.40
CA LEU A 72 10.20 12.47 -22.97
C LEU A 72 10.21 12.90 -24.42
N ILE A 73 11.32 13.51 -24.83
CA ILE A 73 11.58 13.89 -26.21
C ILE A 73 12.96 13.33 -26.54
N VAL A 74 13.08 12.69 -27.70
CA VAL A 74 14.33 12.05 -28.10
C VAL A 74 14.59 12.35 -29.57
N ARG A 75 15.72 13.01 -29.82
CA ARG A 75 16.21 13.27 -31.16
C ARG A 75 16.74 12.02 -31.84
N ASP A 76 16.40 11.86 -33.12
CA ASP A 76 16.82 10.73 -33.95
C ASP A 76 17.15 11.29 -35.33
N GLY A 77 18.41 11.69 -35.52
CA GLY A 77 18.77 12.45 -36.70
C GLY A 77 18.26 13.86 -36.57
N ASP A 78 17.58 14.35 -37.62
CA ASP A 78 16.94 15.67 -37.61
C ASP A 78 15.43 15.56 -37.39
N GLU A 79 15.03 14.57 -36.61
CA GLU A 79 13.65 14.25 -36.26
C GLU A 79 13.52 14.14 -34.75
N LEU A 80 12.27 14.11 -34.26
CA LEU A 80 12.03 13.90 -32.83
C LEU A 80 10.98 12.84 -32.61
N LEU A 81 11.27 11.98 -31.62
CA LEU A 81 10.30 11.03 -31.09
C LEU A 81 9.78 11.58 -29.77
N LEU A 82 8.47 11.81 -29.73
CA LEU A 82 7.75 12.21 -28.55
C LEU A 82 7.30 10.98 -27.77
N ILE A 83 7.58 10.96 -26.46
CA ILE A 83 7.03 9.95 -25.57
C ILE A 83 6.00 10.65 -24.69
N ASP A 84 4.73 10.31 -24.92
CA ASP A 84 3.54 10.75 -24.19
C ASP A 84 3.16 12.18 -24.53
N THR A 85 1.85 12.45 -24.50
CA THR A 85 1.32 13.78 -24.71
C THR A 85 1.63 14.66 -23.50
N ALA A 86 1.22 15.93 -23.58
CA ALA A 86 1.33 16.82 -22.44
C ALA A 86 0.04 16.95 -21.62
N TRP A 87 -0.79 15.91 -21.60
CA TRP A 87 -2.02 15.93 -20.80
C TRP A 87 -3.09 16.88 -21.38
N GLY A 88 -3.67 16.53 -22.51
CA GLY A 88 -4.81 17.21 -23.07
C GLY A 88 -4.46 17.99 -24.32
N ALA A 89 -5.50 18.32 -25.10
CA ALA A 89 -5.26 19.02 -26.36
C ALA A 89 -4.50 20.31 -26.12
N LYS A 90 -4.95 21.13 -25.17
CA LYS A 90 -4.40 22.47 -25.00
C LYS A 90 -2.90 22.41 -24.68
N ASN A 91 -2.55 21.65 -23.65
CA ASN A 91 -1.14 21.47 -23.30
C ASN A 91 -0.34 20.94 -24.49
N THR A 92 -0.91 19.97 -25.20
CA THR A 92 -0.12 19.28 -26.22
C THR A 92 0.20 20.21 -27.38
N ALA A 93 -0.74 21.09 -27.75
CA ALA A 93 -0.44 22.11 -28.74
C ALA A 93 0.67 23.05 -28.26
N ALA A 94 0.64 23.42 -26.98
CA ALA A 94 1.71 24.25 -26.46
C ALA A 94 3.03 23.49 -26.50
N LEU A 95 2.99 22.20 -26.21
CA LEU A 95 4.19 21.39 -26.31
C LEU A 95 4.79 21.47 -27.70
N LEU A 96 3.96 21.30 -28.73
CA LEU A 96 4.49 21.38 -30.09
C LEU A 96 5.05 22.76 -30.36
N ALA A 97 4.40 23.79 -29.83
CA ALA A 97 4.85 25.15 -30.09
C ALA A 97 6.10 25.47 -29.28
N GLU A 98 6.25 24.86 -28.10
CA GLU A 98 7.49 25.06 -27.38
C GLU A 98 8.63 24.38 -28.11
N ILE A 99 8.37 23.19 -28.64
CA ILE A 99 9.38 22.42 -29.35
C ILE A 99 9.89 23.15 -30.58
N GLU A 100 8.96 23.67 -31.41
CA GLU A 100 9.35 24.34 -32.65
C GLU A 100 10.15 25.60 -32.37
N LYS A 101 9.92 26.22 -31.21
CA LYS A 101 10.69 27.39 -30.79
C LYS A 101 12.05 26.99 -30.24
N GLN A 102 12.11 26.02 -29.33
CA GLN A 102 13.34 25.79 -28.58
C GLN A 102 14.25 24.75 -29.20
N ILE A 103 13.69 23.83 -30.00
CA ILE A 103 14.45 22.74 -30.63
C ILE A 103 14.45 22.88 -32.15
N GLY A 104 13.27 23.09 -32.75
CA GLY A 104 13.20 23.34 -34.19
C GLY A 104 13.26 22.10 -35.07
N LEU A 105 13.22 20.97 -34.54
CA LEU A 105 13.09 19.77 -35.32
C LEU A 105 11.65 19.25 -35.26
N PRO A 106 11.19 18.63 -36.35
CA PRO A 106 9.84 18.08 -36.37
C PRO A 106 9.67 16.84 -35.49
N VAL A 107 8.53 16.75 -34.83
CA VAL A 107 8.11 15.52 -34.18
C VAL A 107 7.49 14.65 -35.26
N THR A 108 8.10 13.50 -35.53
CA THR A 108 7.52 12.63 -36.52
C THR A 108 6.68 11.51 -35.92
N ARG A 109 6.93 11.10 -34.67
CA ARG A 109 6.14 10.03 -34.08
C ARG A 109 6.00 10.27 -32.59
N ALA A 110 4.97 9.66 -32.02
CA ALA A 110 4.72 9.73 -30.59
C ALA A 110 4.24 8.37 -30.12
N VAL A 111 4.68 8.00 -28.94
CA VAL A 111 4.26 6.78 -28.26
C VAL A 111 3.56 7.21 -26.99
N SER A 112 2.38 6.65 -26.72
CA SER A 112 1.71 6.78 -25.43
C SER A 112 2.00 5.54 -24.58
N THR A 113 2.43 5.75 -23.34
CA THR A 113 2.92 4.65 -22.52
C THR A 113 1.82 3.90 -21.76
N HIS A 114 0.64 4.47 -21.60
CA HIS A 114 -0.55 3.69 -21.24
C HIS A 114 -1.80 4.48 -21.61
N PHE A 115 -2.98 3.90 -21.31
CA PHE A 115 -4.26 4.35 -21.87
C PHE A 115 -4.89 5.53 -21.15
N HIS A 116 -4.39 5.91 -19.96
CA HIS A 116 -5.05 6.99 -19.24
C HIS A 116 -4.97 8.29 -20.01
N ASP A 117 -5.98 9.14 -19.77
CA ASP A 117 -6.16 10.38 -20.52
C ASP A 117 -4.94 11.30 -20.42
N ASP A 118 -4.20 11.24 -19.32
CA ASP A 118 -3.01 12.07 -19.21
C ASP A 118 -1.92 11.68 -20.20
N ARG A 119 -1.99 10.48 -20.77
CA ARG A 119 -0.99 10.02 -21.72
C ARG A 119 -1.48 9.91 -23.17
N VAL A 120 -2.79 9.72 -23.42
CA VAL A 120 -3.33 9.76 -24.78
C VAL A 120 -4.06 11.05 -25.10
N GLY A 121 -4.35 11.90 -24.11
CA GLY A 121 -5.05 13.14 -24.35
C GLY A 121 -4.15 14.16 -25.02
N GLY A 122 -4.51 14.62 -26.21
CA GLY A 122 -3.62 15.36 -27.09
C GLY A 122 -3.21 14.56 -28.30
N VAL A 123 -3.61 13.30 -28.37
CA VAL A 123 -3.25 12.48 -29.49
C VAL A 123 -3.91 13.01 -30.76
N ASP A 124 -5.15 13.53 -30.64
CA ASP A 124 -5.81 14.13 -31.79
C ASP A 124 -5.03 15.35 -32.29
N VAL A 125 -4.55 16.19 -31.37
CA VAL A 125 -3.74 17.35 -31.77
C VAL A 125 -2.48 16.91 -32.47
N LEU A 126 -1.78 15.89 -31.93
CA LEU A 126 -0.56 15.43 -32.58
C LEU A 126 -0.85 14.94 -33.99
N ARG A 127 -1.97 14.25 -34.17
CA ARG A 127 -2.30 13.66 -35.47
C ARG A 127 -2.55 14.76 -36.49
N LYS A 128 -3.31 15.76 -36.10
CA LYS A 128 -3.57 16.88 -36.99
C LYS A 128 -2.28 17.59 -37.37
N ALA A 129 -1.32 17.67 -36.42
CA ALA A 129 -0.03 18.27 -36.70
C ALA A 129 0.83 17.41 -37.60
N GLY A 130 0.39 16.19 -37.90
CA GLY A 130 1.11 15.33 -38.79
C GLY A 130 1.89 14.25 -38.11
N VAL A 131 1.77 14.12 -36.80
CA VAL A 131 2.58 13.19 -36.04
C VAL A 131 1.92 11.82 -36.12
N ALA A 132 2.73 10.78 -36.27
CA ALA A 132 2.21 9.42 -36.32
C ALA A 132 2.22 8.88 -34.89
N THR A 133 1.02 8.56 -34.38
CA THR A 133 0.83 8.18 -32.99
C THR A 133 0.73 6.67 -32.85
N TYR A 134 1.40 6.15 -31.81
CA TYR A 134 1.59 4.73 -31.60
C TYR A 134 1.27 4.40 -30.15
N ALA A 135 0.83 3.17 -29.93
CA ALA A 135 0.62 2.57 -28.61
C ALA A 135 0.46 1.08 -28.78
N SER A 136 0.60 0.33 -27.68
CA SER A 136 0.41 -1.08 -27.79
C SER A 136 -1.07 -1.40 -28.09
N PRO A 137 -1.37 -2.61 -28.57
CA PRO A 137 -2.77 -2.94 -28.83
C PRO A 137 -3.61 -2.92 -27.57
N SER A 138 -3.05 -3.34 -26.46
CA SER A 138 -3.82 -3.32 -25.23
C SER A 138 -4.12 -1.88 -24.82
N THR A 139 -3.13 -0.98 -24.94
CA THR A 139 -3.38 0.44 -24.66
C THR A 139 -4.48 0.98 -25.55
N ARG A 140 -4.41 0.68 -26.86
CA ARG A 140 -5.44 1.14 -27.78
C ARG A 140 -6.81 0.60 -27.39
N ARG A 141 -6.90 -0.68 -27.05
CA ARG A 141 -8.17 -1.26 -26.60
C ARG A 141 -8.70 -0.55 -25.34
N LEU A 142 -7.87 -0.49 -24.32
CA LEU A 142 -8.29 0.16 -23.08
C LEU A 142 -8.66 1.63 -23.31
N ALA A 143 -7.87 2.37 -24.10
CA ALA A 143 -8.21 3.77 -24.38
C ALA A 143 -9.60 3.91 -25.03
N GLU A 144 -9.86 3.09 -26.06
CA GLU A 144 -11.14 3.15 -26.75
C GLU A 144 -12.29 2.84 -25.83
N ALA A 145 -12.15 1.80 -25.02
CA ALA A 145 -13.22 1.46 -24.08
C ALA A 145 -13.44 2.58 -23.05
N GLU A 146 -12.43 3.38 -22.79
CA GLU A 146 -12.56 4.44 -21.80
C GLU A 146 -13.14 5.71 -22.40
N GLY A 147 -13.30 5.75 -23.71
CA GLY A 147 -13.64 6.98 -24.40
C GLY A 147 -12.46 7.93 -24.56
N ASN A 148 -11.24 7.44 -24.51
CA ASN A 148 -10.11 8.33 -24.70
C ASN A 148 -9.67 8.34 -26.16
N GLU A 149 -8.87 9.33 -26.51
CA GLU A 149 -8.29 9.36 -27.86
C GLU A 149 -7.43 8.11 -28.08
N ILE A 150 -7.43 7.62 -29.32
CA ILE A 150 -6.81 6.35 -29.71
C ILE A 150 -5.63 6.60 -30.66
N PRO A 151 -4.39 6.34 -30.26
CA PRO A 151 -3.28 6.37 -31.23
C PRO A 151 -3.56 5.48 -32.45
N THR A 152 -3.04 5.91 -33.59
CA THR A 152 -3.35 5.29 -34.88
C THR A 152 -2.73 3.92 -35.03
N HIS A 153 -1.44 3.83 -34.78
CA HIS A 153 -0.62 2.66 -35.07
C HIS A 153 -0.48 1.81 -33.82
N SER A 154 -0.39 0.49 -34.03
CA SER A 154 -0.19 -0.49 -32.96
C SER A 154 1.27 -0.92 -32.82
N LEU A 155 1.76 -0.99 -31.60
CA LEU A 155 3.10 -1.51 -31.33
C LEU A 155 3.02 -3.00 -31.01
N GLU A 156 3.62 -3.81 -31.88
CA GLU A 156 3.67 -5.25 -31.71
C GLU A 156 4.89 -5.68 -30.88
N GLY A 157 4.79 -6.89 -30.34
CA GLY A 157 5.90 -7.47 -29.63
C GLY A 157 6.04 -7.02 -28.21
N LEU A 158 5.01 -6.38 -27.63
CA LEU A 158 5.04 -5.96 -26.23
C LEU A 158 3.96 -6.61 -25.38
N SER A 159 3.46 -7.77 -25.78
CA SER A 159 2.26 -8.31 -25.16
C SER A 159 2.54 -9.07 -23.87
N SER A 160 3.80 -9.46 -23.58
CA SER A 160 4.12 -10.28 -22.43
C SER A 160 5.14 -9.61 -21.52
N SER A 161 4.92 -9.74 -20.22
CA SER A 161 5.86 -9.19 -19.23
C SER A 161 7.30 -9.50 -19.62
N GLY A 162 8.12 -8.48 -19.67
CA GLY A 162 9.51 -8.63 -20.06
C GLY A 162 9.82 -8.52 -21.54
N ASP A 163 8.81 -8.38 -22.39
CA ASP A 163 9.05 -8.12 -23.80
C ASP A 163 9.68 -6.75 -24.03
N ALA A 164 10.59 -6.68 -25.01
CA ALA A 164 11.25 -5.45 -25.40
C ALA A 164 11.27 -5.33 -26.92
N VAL A 165 11.05 -4.12 -27.44
CA VAL A 165 11.33 -3.87 -28.85
C VAL A 165 12.05 -2.54 -29.02
N ARG A 166 12.84 -2.46 -30.08
CA ARG A 166 13.40 -1.21 -30.54
C ARG A 166 12.36 -0.42 -31.30
N PHE A 167 12.30 0.86 -31.03
CA PHE A 167 11.39 1.77 -31.73
C PHE A 167 12.15 3.08 -31.86
N GLY A 168 12.55 3.42 -33.08
CA GLY A 168 13.48 4.48 -33.27
C GLY A 168 14.79 4.22 -32.52
N PRO A 169 15.35 5.26 -31.92
CA PRO A 169 16.57 5.06 -31.13
C PRO A 169 16.32 4.71 -29.68
N VAL A 170 15.07 4.47 -29.27
CA VAL A 170 14.81 4.00 -27.91
C VAL A 170 14.39 2.52 -27.95
N GLU A 171 14.36 1.92 -26.76
CA GLU A 171 13.81 0.61 -26.51
C GLU A 171 12.55 0.80 -25.67
N LEU A 172 11.52 0.09 -26.05
CA LEU A 172 10.26 0.06 -25.36
C LEU A 172 10.23 -1.28 -24.63
N PHE A 173 9.90 -1.24 -23.34
CA PHE A 173 9.87 -2.42 -22.47
C PHE A 173 8.55 -2.49 -21.71
N TYR A 174 7.83 -3.62 -21.83
CA TYR A 174 6.65 -3.88 -21.00
C TYR A 174 7.09 -4.67 -19.78
N PRO A 175 7.15 -4.06 -18.60
CA PRO A 175 7.62 -4.79 -17.42
C PRO A 175 6.55 -5.65 -16.77
N GLY A 176 5.32 -5.62 -17.28
CA GLY A 176 4.19 -6.18 -16.56
C GLY A 176 3.32 -5.09 -15.96
N ALA A 177 2.24 -5.55 -15.37
CA ALA A 177 1.28 -4.62 -14.79
C ALA A 177 1.89 -3.88 -13.59
N ALA A 178 1.55 -2.61 -13.47
CA ALA A 178 2.07 -1.79 -12.38
C ALA A 178 1.03 -0.74 -12.06
N HIS A 179 1.27 0.51 -12.46
CA HIS A 179 0.27 1.57 -12.32
C HIS A 179 -0.97 1.23 -13.13
N SER A 180 -0.77 0.58 -14.27
CA SER A 180 -1.83 0.13 -15.13
C SER A 180 -1.39 -1.22 -15.65
N THR A 181 -2.34 -1.99 -16.23
CA THR A 181 -1.97 -3.27 -16.78
C THR A 181 -1.10 -3.14 -18.02
N ASP A 182 -1.14 -1.99 -18.71
CA ASP A 182 -0.57 -1.82 -20.03
C ASP A 182 0.70 -0.96 -20.03
N ASN A 183 1.13 -0.43 -18.88
CA ASN A 183 2.11 0.66 -18.87
C ASN A 183 3.42 0.16 -19.44
N LEU A 184 4.06 1.04 -20.20
CA LEU A 184 5.34 0.77 -20.84
C LEU A 184 6.39 1.71 -20.27
N VAL A 185 7.64 1.27 -20.31
CA VAL A 185 8.76 2.12 -19.94
C VAL A 185 9.68 2.20 -21.17
N VAL A 186 10.51 3.24 -21.20
CA VAL A 186 11.23 3.61 -22.42
C VAL A 186 12.68 3.90 -22.05
N TYR A 187 13.60 3.19 -22.68
CA TYR A 187 15.02 3.33 -22.43
C TYR A 187 15.71 3.95 -23.65
N VAL A 188 16.53 4.96 -23.39
CA VAL A 188 17.36 5.63 -24.39
C VAL A 188 18.80 5.18 -24.21
N PRO A 189 19.25 4.12 -24.88
CA PRO A 189 20.58 3.58 -24.58
C PRO A 189 21.72 4.54 -24.83
N SER A 190 21.62 5.42 -25.84
CA SER A 190 22.70 6.38 -26.11
C SER A 190 23.01 7.26 -24.91
N ALA A 191 22.03 7.50 -24.04
CA ALA A 191 22.26 8.37 -22.89
C ALA A 191 21.98 7.65 -21.56
N ASN A 192 21.74 6.35 -21.58
CA ASN A 192 21.37 5.60 -20.37
C ASN A 192 20.25 6.29 -19.59
N VAL A 193 19.23 6.77 -20.29
CA VAL A 193 18.10 7.45 -19.67
C VAL A 193 16.90 6.52 -19.68
N LEU A 194 16.29 6.35 -18.50
CA LEU A 194 15.14 5.46 -18.30
C LEU A 194 13.93 6.32 -17.93
N TYR A 195 12.89 6.26 -18.78
CA TYR A 195 11.61 6.93 -18.54
C TYR A 195 10.62 5.86 -18.08
N GLY A 196 10.20 5.94 -16.82
CA GLY A 196 9.29 4.95 -16.28
C GLY A 196 7.81 5.25 -16.42
N GLY A 197 7.41 6.45 -16.83
CA GLY A 197 6.01 6.86 -16.71
C GLY A 197 5.49 6.61 -15.31
N ALA A 199 4.65 4.13 -13.74
CA ALA A 199 5.07 2.89 -13.09
C ALA A 199 6.21 3.13 -12.09
N VAL A 200 6.84 4.30 -12.20
CA VAL A 200 7.99 4.71 -11.40
C VAL A 200 7.68 5.99 -10.63
N LEU A 201 8.07 6.01 -9.36
CA LEU A 201 7.75 7.11 -8.44
C LEU A 201 8.98 7.97 -8.13
N ALA A 202 8.75 9.28 -8.09
CA ALA A 202 9.76 10.20 -7.61
C ALA A 202 10.09 9.92 -6.15
N LEU A 203 11.31 10.34 -5.76
CA LEU A 203 11.80 10.12 -4.40
C LEU A 203 10.91 10.78 -3.38
N SER A 204 10.29 11.91 -3.72
CA SER A 204 9.44 12.60 -2.77
C SER A 204 8.17 11.83 -2.46
N ARG A 205 7.89 10.78 -3.23
CA ARG A 205 6.59 10.13 -3.18
C ARG A 205 6.53 9.15 -2.02
N THR A 206 5.43 9.18 -1.28
CA THR A 206 5.26 8.22 -0.21
C THR A 206 4.08 7.30 -0.42
N SER A 207 3.29 7.54 -1.45
CA SER A 207 2.13 6.73 -1.74
C SER A 207 2.20 6.24 -3.17
N ALA A 208 1.48 5.16 -3.43
CA ALA A 208 1.35 4.58 -4.77
C ALA A 208 0.46 5.42 -5.69
N GLY A 209 -0.13 6.52 -5.22
CA GLY A 209 -0.99 7.34 -6.05
C GLY A 209 -2.36 6.75 -6.35
N ASN A 210 -2.86 6.99 -7.56
CA ASN A 210 -4.20 6.59 -7.99
C ASN A 210 -4.09 5.13 -8.42
N VAL A 211 -4.53 4.22 -7.56
CA VAL A 211 -4.29 2.81 -7.77
C VAL A 211 -5.53 2.08 -8.26
N ALA A 212 -6.59 2.82 -8.59
CA ALA A 212 -7.85 2.21 -9.02
C ALA A 212 -7.61 1.22 -10.15
N ASP A 213 -6.72 1.57 -11.07
CA ASP A 213 -6.40 0.75 -12.22
C ASP A 213 -5.12 -0.05 -12.07
N ALA A 214 -4.45 0.03 -10.91
CA ALA A 214 -3.15 -0.60 -10.71
C ALA A 214 -3.31 -2.07 -10.31
N ASP A 215 -2.24 -2.84 -10.52
CA ASP A 215 -2.14 -4.20 -10.00
C ASP A 215 -1.10 -4.15 -8.88
N LEU A 216 -1.56 -3.84 -7.67
CA LEU A 216 -0.64 -3.78 -6.53
C LEU A 216 0.08 -5.09 -6.32
N ALA A 217 -0.53 -6.22 -6.71
CA ALA A 217 0.11 -7.50 -6.46
C ALA A 217 1.28 -7.73 -7.40
N GLU A 218 1.20 -7.21 -8.62
CA GLU A 218 2.23 -7.42 -9.63
C GLU A 218 3.27 -6.30 -9.72
N TRP A 219 2.93 -5.08 -9.30
CA TRP A 219 3.82 -3.93 -9.46
C TRP A 219 5.25 -4.14 -8.93
N PRO A 220 5.49 -4.73 -7.76
CA PRO A 220 6.89 -4.91 -7.33
C PRO A 220 7.65 -5.83 -8.23
N THR A 221 7.03 -6.93 -8.66
CA THR A 221 7.68 -7.81 -9.63
C THR A 221 7.99 -7.05 -10.92
N SER A 222 7.07 -6.21 -11.37
CA SER A 222 7.30 -5.42 -12.57
C SER A 222 8.47 -4.45 -12.38
N VAL A 223 8.56 -3.83 -11.21
CA VAL A 223 9.70 -2.96 -10.96
C VAL A 223 10.99 -3.77 -10.92
N GLU A 224 10.93 -5.01 -10.44
CA GLU A 224 12.11 -5.86 -10.45
C GLU A 224 12.57 -6.15 -11.88
N ARG A 225 11.62 -6.42 -12.80
CA ARG A 225 12.00 -6.67 -14.19
C ARG A 225 12.69 -5.45 -14.81
N ILE A 226 12.19 -4.26 -14.51
CA ILE A 226 12.88 -3.03 -14.93
C ILE A 226 14.31 -3.00 -14.39
N GLN A 227 14.45 -3.13 -13.08
CA GLN A 227 15.76 -3.09 -12.43
C GLN A 227 16.73 -4.09 -13.04
N LYS A 228 16.27 -5.32 -13.30
CA LYS A 228 17.17 -6.35 -13.84
C LYS A 228 17.55 -6.05 -15.28
N HIS A 229 16.64 -5.46 -16.05
CA HIS A 229 16.87 -5.23 -17.47
C HIS A 229 17.69 -3.99 -17.76
N TYR A 230 17.81 -3.05 -16.80
CA TYR A 230 18.48 -1.75 -17.03
C TYR A 230 19.47 -1.42 -15.91
N PRO A 231 20.41 -2.31 -15.64
CA PRO A 231 21.35 -2.06 -14.54
C PRO A 231 22.31 -0.91 -14.82
N GLU A 232 22.47 -0.47 -16.07
CA GLU A 232 23.36 0.64 -16.39
C GLU A 232 22.63 1.96 -16.57
N ALA A 233 21.31 2.00 -16.32
CA ALA A 233 20.59 3.27 -16.27
C ALA A 233 21.27 4.26 -15.36
N GLU A 234 21.55 5.46 -15.90
CA GLU A 234 22.18 6.54 -15.12
C GLU A 234 21.20 7.61 -14.68
N VAL A 235 20.17 7.92 -15.49
CA VAL A 235 19.15 8.89 -15.12
C VAL A 235 17.79 8.21 -15.28
N VAL A 236 16.93 8.37 -14.28
CA VAL A 236 15.60 7.76 -14.25
C VAL A 236 14.56 8.85 -14.07
N ILE A 237 13.56 8.88 -14.94
CA ILE A 237 12.57 9.93 -14.98
C ILE A 237 11.21 9.33 -14.62
N PRO A 238 10.63 9.68 -13.47
CA PRO A 238 9.31 9.19 -13.09
C PRO A 238 8.23 9.88 -13.90
N GLY A 239 7.03 9.31 -13.85
CA GLY A 239 5.92 9.89 -14.56
C GLY A 239 5.57 11.26 -14.05
N HIS A 240 5.89 11.53 -12.75
CA HIS A 240 5.61 12.80 -12.10
C HIS A 240 6.78 13.17 -11.19
N GLY A 241 7.20 14.44 -11.22
CA GLY A 241 8.21 14.93 -10.32
C GLY A 241 9.62 14.89 -10.89
N LEU A 242 10.55 14.82 -9.94
CA LEU A 242 11.97 15.07 -10.10
C LEU A 242 12.69 13.83 -10.64
N PRO A 243 13.67 14.00 -11.54
CA PRO A 243 14.50 12.87 -11.97
C PRO A 243 15.44 12.39 -10.88
N GLY A 244 15.91 11.16 -11.01
CA GLY A 244 17.00 10.66 -10.20
C GLY A 244 17.80 9.59 -10.89
N GLY A 245 18.34 8.68 -10.09
CA GLY A 245 19.07 7.53 -10.57
C GLY A 245 18.33 6.24 -10.30
N LEU A 246 19.08 5.13 -10.33
CA LEU A 246 18.48 3.85 -10.03
C LEU A 246 17.84 3.79 -8.65
N ASP A 247 18.02 4.80 -7.81
CA ASP A 247 17.37 4.80 -6.50
C ASP A 247 15.85 4.93 -6.65
N LEU A 248 15.39 5.60 -7.72
CA LEU A 248 13.94 5.69 -7.96
C LEU A 248 13.28 4.32 -8.05
N LEU A 249 13.94 3.33 -8.67
CA LEU A 249 13.31 2.03 -8.86
C LEU A 249 13.09 1.34 -7.52
N GLN A 250 14.14 1.29 -6.69
CA GLN A 250 13.98 0.65 -5.40
C GLN A 250 13.01 1.43 -4.52
N HIS A 251 13.01 2.76 -4.60
CA HIS A 251 12.02 3.54 -3.87
C HIS A 251 10.63 3.12 -4.26
N THR A 252 10.35 3.07 -5.57
CA THR A 252 9.03 2.66 -6.03
C THR A 252 8.68 1.30 -5.46
N ALA A 253 9.63 0.36 -5.55
CA ALA A 253 9.42 -0.97 -5.02
C ALA A 253 9.12 -0.92 -3.52
N ASN A 254 9.85 -0.09 -2.78
CA ASN A 254 9.60 0.03 -1.35
C ASN A 254 8.17 0.50 -1.08
N VAL A 255 7.81 1.63 -1.70
CA VAL A 255 6.48 2.22 -1.52
C VAL A 255 5.38 1.23 -1.88
N VAL A 256 5.52 0.60 -3.04
CA VAL A 256 4.46 -0.25 -3.54
C VAL A 256 4.34 -1.50 -2.70
N THR A 257 5.45 -2.02 -2.18
CA THR A 257 5.36 -3.19 -1.31
C THR A 257 4.70 -2.81 -0.01
N ALA A 258 5.08 -1.66 0.55
CA ALA A 258 4.54 -1.29 1.86
C ALA A 258 3.05 -1.04 1.77
N HIS A 259 2.61 -0.47 0.65
CA HIS A 259 1.19 -0.27 0.42
C HIS A 259 0.43 -1.58 0.47
N LYS A 260 0.93 -2.59 -0.28
CA LYS A 260 0.25 -3.88 -0.35
C LYS A 260 0.08 -4.51 1.03
N ASN A 261 1.12 -4.46 1.86
CA ASN A 261 1.11 -5.15 3.13
C ASN A 261 0.25 -4.47 4.20
N GLU B 32 -15.71 31.94 -3.32
CA GLU B 32 -15.24 32.60 -2.10
C GLU B 32 -14.33 31.65 -1.28
N TYR B 33 -14.62 30.36 -1.32
CA TYR B 33 -13.88 29.38 -0.53
C TYR B 33 -12.44 29.27 -1.06
N PRO B 34 -11.42 29.37 -0.20
CA PRO B 34 -10.05 29.46 -0.72
C PRO B 34 -9.46 28.13 -1.20
N THR B 35 -8.55 28.26 -2.17
CA THR B 35 -7.92 27.13 -2.87
C THR B 35 -6.40 27.18 -2.72
N VAL B 36 -5.75 26.11 -3.19
CA VAL B 36 -4.31 25.95 -2.95
C VAL B 36 -3.54 27.15 -3.45
N ASN B 37 -3.88 27.64 -4.65
CA ASN B 37 -3.15 28.75 -5.25
C ASN B 37 -3.39 30.07 -4.52
N GLU B 38 -4.46 30.18 -3.75
CA GLU B 38 -4.72 31.38 -2.97
C GLU B 38 -4.10 31.33 -1.57
N ILE B 39 -3.49 30.21 -1.18
CA ILE B 39 -2.94 30.02 0.17
C ILE B 39 -1.52 29.50 0.10
N PRO B 40 -0.48 30.35 0.20
CA PRO B 40 0.88 29.80 0.22
C PRO B 40 1.07 28.93 1.46
N VAL B 41 1.95 27.92 1.33
CA VAL B 41 2.20 27.00 2.44
C VAL B 41 2.72 27.80 3.62
N GLY B 42 2.34 27.40 4.84
CA GLY B 42 2.73 28.13 6.01
C GLY B 42 1.71 29.13 6.52
N GLU B 43 0.70 29.45 5.71
CA GLU B 43 -0.39 30.32 6.09
C GLU B 43 -1.68 29.50 6.24
N VAL B 44 -2.64 30.08 6.93
CA VAL B 44 -3.91 29.44 7.23
C VAL B 44 -5.00 30.47 7.05
N ARG B 45 -6.07 30.08 6.40
CA ARG B 45 -7.26 30.92 6.24
C ARG B 45 -8.43 30.32 7.00
N LEU B 46 -9.31 31.22 7.43
CA LEU B 46 -10.55 30.88 8.09
C LEU B 46 -11.71 31.24 7.19
N TYR B 47 -12.77 30.43 7.23
CA TYR B 47 -13.91 30.59 6.35
C TYR B 47 -15.15 30.31 7.19
N GLN B 48 -15.94 31.34 7.48
CA GLN B 48 -17.09 31.16 8.34
C GLN B 48 -18.19 30.42 7.57
N ILE B 49 -18.56 29.28 8.12
CA ILE B 49 -19.59 28.41 7.57
C ILE B 49 -20.97 28.74 8.13
N ALA B 50 -21.06 29.08 9.41
CA ALA B 50 -22.32 29.44 10.06
C ALA B 50 -22.00 30.27 11.30
N ASP B 51 -23.05 30.71 12.00
CA ASP B 51 -22.86 31.42 13.25
C ASP B 51 -21.96 30.57 14.15
N GLY B 52 -20.79 31.10 14.52
CA GLY B 52 -19.97 30.35 15.45
C GLY B 52 -19.35 29.07 14.92
N VAL B 53 -19.23 28.92 13.61
CA VAL B 53 -18.64 27.72 13.02
C VAL B 53 -17.77 28.14 11.84
N TRP B 54 -16.49 27.80 11.89
CA TRP B 54 -15.57 28.07 10.81
C TRP B 54 -14.90 26.78 10.35
N SER B 55 -14.49 26.75 9.08
CA SER B 55 -13.48 25.80 8.66
C SER B 55 -12.15 26.53 8.60
N HIS B 56 -11.08 25.77 8.73
CA HIS B 56 -9.74 26.30 8.63
C HIS B 56 -9.04 25.54 7.51
N ILE B 57 -8.39 26.29 6.62
CA ILE B 57 -7.81 25.76 5.40
C ILE B 57 -6.33 26.08 5.39
N ALA B 58 -5.52 25.05 5.20
CA ALA B 58 -4.08 25.15 5.16
C ALA B 58 -3.60 24.39 3.92
N THR B 59 -2.31 24.45 3.65
CA THR B 59 -1.71 23.74 2.56
C THR B 59 -0.41 23.12 3.01
N GLN B 60 0.01 22.09 2.29
CA GLN B 60 1.20 21.37 2.71
C GLN B 60 1.79 20.59 1.53
N SER B 61 3.12 20.43 1.55
CA SER B 61 3.78 19.54 0.58
C SER B 61 3.71 18.12 1.08
N PHE B 62 3.23 17.23 0.23
CA PHE B 62 3.04 15.85 0.61
C PHE B 62 2.97 15.01 -0.64
N ASP B 63 3.70 13.90 -0.66
CA ASP B 63 3.64 12.95 -1.78
C ASP B 63 3.80 13.66 -3.12
N GLY B 64 4.71 14.65 -3.17
CA GLY B 64 5.11 15.30 -4.40
C GLY B 64 4.12 16.33 -4.95
N ALA B 65 3.05 16.63 -4.25
CA ALA B 65 2.12 17.68 -4.67
C ALA B 65 1.91 18.62 -3.50
N VAL B 66 1.19 19.70 -3.80
CA VAL B 66 0.73 20.65 -2.80
C VAL B 66 -0.78 20.48 -2.72
N TYR B 67 -1.27 20.24 -1.50
CA TYR B 67 -2.67 19.88 -1.26
C TYR B 67 -3.29 20.82 -0.24
N PRO B 68 -4.51 21.32 -0.48
CA PRO B 68 -5.25 21.97 0.60
C PRO B 68 -5.79 20.93 1.57
N SER B 69 -6.14 21.41 2.77
CA SER B 69 -6.72 20.58 3.81
C SER B 69 -7.63 21.45 4.69
N ASN B 70 -8.78 20.89 5.05
CA ASN B 70 -9.83 21.55 5.80
C ASN B 70 -9.83 21.02 7.22
N GLY B 71 -10.26 21.88 8.15
CA GLY B 71 -10.59 21.52 9.54
C GLY B 71 -11.77 22.31 10.06
N LEU B 72 -12.05 22.26 11.37
CA LEU B 72 -13.24 22.90 11.90
C LEU B 72 -12.90 23.66 13.18
N ILE B 73 -13.60 24.78 13.39
CA ILE B 73 -13.55 25.58 14.60
C ILE B 73 -14.99 25.84 15.00
N VAL B 74 -15.31 25.59 16.28
CA VAL B 74 -16.68 25.66 16.80
C VAL B 74 -16.71 26.49 18.07
N ARG B 75 -17.54 27.54 18.08
N ARG B 75 -17.52 27.55 18.07
CA ARG B 75 -17.66 28.44 19.24
CA ARG B 75 -17.64 28.36 19.25
C ARG B 75 -18.56 27.79 20.30
C ARG B 75 -18.49 27.62 20.29
N ASP B 76 -18.08 27.76 21.54
CA ASP B 76 -18.82 27.20 22.68
C ASP B 76 -18.77 28.23 23.80
N GLY B 77 -19.77 29.10 23.87
CA GLY B 77 -19.74 30.20 24.81
C GLY B 77 -18.60 31.15 24.43
N ASP B 78 -17.67 31.37 25.36
CA ASP B 78 -16.58 32.31 25.11
C ASP B 78 -15.24 31.59 24.88
N GLU B 79 -15.28 30.37 24.35
CA GLU B 79 -14.08 29.59 24.03
C GLU B 79 -14.33 28.80 22.74
N LEU B 80 -13.27 28.15 22.25
CA LEU B 80 -13.34 27.45 20.97
C LEU B 80 -12.92 26.01 21.09
N LEU B 81 -13.60 25.19 20.33
CA LEU B 81 -13.24 23.81 20.10
C LEU B 81 -12.61 23.70 18.71
N LEU B 82 -11.44 23.09 18.65
CA LEU B 82 -10.72 22.93 17.38
C LEU B 82 -10.84 21.48 16.92
N ILE B 83 -11.15 21.28 15.65
CA ILE B 83 -11.13 19.97 15.03
C ILE B 83 -9.96 19.89 14.03
N ASP B 84 -9.06 18.93 14.27
CA ASP B 84 -7.85 18.69 13.50
C ASP B 84 -6.87 19.86 13.48
N THR B 85 -5.59 19.50 13.34
CA THR B 85 -4.49 20.46 13.25
C THR B 85 -4.53 21.13 11.89
N ALA B 86 -3.50 21.93 11.60
CA ALA B 86 -3.36 22.53 10.29
C ALA B 86 -2.27 21.83 9.49
N TRP B 87 -2.00 20.56 9.81
CA TRP B 87 -1.04 19.80 9.02
C TRP B 87 0.39 20.28 9.29
N GLY B 88 0.85 20.03 10.51
CA GLY B 88 2.22 20.29 10.88
C GLY B 88 2.32 21.47 11.81
N ALA B 89 3.53 21.59 12.37
CA ALA B 89 3.77 22.51 13.47
C ALA B 89 3.63 23.96 13.01
N LYS B 90 4.34 24.34 11.92
CA LYS B 90 4.32 25.74 11.49
C LYS B 90 2.90 26.19 11.18
N ASN B 91 2.21 25.42 10.36
CA ASN B 91 0.83 25.71 10.03
C ASN B 91 -0.05 25.85 11.28
N THR B 92 0.12 24.95 12.23
CA THR B 92 -0.76 24.94 13.40
C THR B 92 -0.51 26.16 14.27
N ALA B 93 0.76 26.59 14.40
CA ALA B 93 1.01 27.87 15.04
C ALA B 93 0.35 29.00 14.27
N ALA B 94 0.51 28.99 12.95
CA ALA B 94 -0.19 29.97 12.12
C ALA B 94 -1.69 29.92 12.34
N LEU B 95 -2.26 28.73 12.45
CA LEU B 95 -3.68 28.61 12.71
C LEU B 95 -4.07 29.34 13.98
N LEU B 96 -3.34 29.07 15.06
CA LEU B 96 -3.71 29.68 16.32
C LEU B 96 -3.59 31.19 16.23
N ALA B 97 -2.59 31.68 15.48
CA ALA B 97 -2.41 33.11 15.28
C ALA B 97 -3.57 33.71 14.50
N GLU B 98 -3.98 33.02 13.42
CA GLU B 98 -5.14 33.44 12.65
C GLU B 98 -6.36 33.52 13.54
N ILE B 99 -6.60 32.45 14.30
CA ILE B 99 -7.71 32.44 15.23
C ILE B 99 -7.68 33.65 16.13
N GLU B 100 -6.48 33.98 16.67
CA GLU B 100 -6.42 35.10 17.58
C GLU B 100 -6.75 36.40 16.87
N LYS B 101 -6.26 36.57 15.65
CA LYS B 101 -6.50 37.84 14.95
C LYS B 101 -7.93 37.96 14.40
N GLN B 102 -8.61 36.85 14.06
CA GLN B 102 -9.90 36.97 13.42
C GLN B 102 -11.09 36.69 14.35
N ILE B 103 -10.93 35.82 15.35
CA ILE B 103 -11.98 35.47 16.30
C ILE B 103 -11.66 35.99 17.72
N GLY B 104 -10.45 35.70 18.20
CA GLY B 104 -9.90 36.27 19.43
C GLY B 104 -10.30 35.54 20.69
N LEU B 105 -11.02 34.39 20.56
CA LEU B 105 -11.35 33.56 21.71
C LEU B 105 -10.31 32.47 21.88
N PRO B 106 -10.11 31.98 23.11
CA PRO B 106 -9.12 30.92 23.31
C PRO B 106 -9.58 29.56 22.80
N VAL B 107 -8.65 28.83 22.18
CA VAL B 107 -8.86 27.42 21.83
C VAL B 107 -8.53 26.63 23.07
N THR B 108 -9.55 26.07 23.74
CA THR B 108 -9.32 25.33 24.97
C THR B 108 -9.17 23.83 24.72
N ARG B 109 -9.77 23.29 23.65
CA ARG B 109 -9.65 21.87 23.36
C ARG B 109 -9.59 21.62 21.87
N ALA B 110 -8.90 20.53 21.51
CA ALA B 110 -8.82 20.10 20.13
C ALA B 110 -8.98 18.58 20.07
N VAL B 111 -9.66 18.15 19.00
CA VAL B 111 -9.85 16.74 18.68
C VAL B 111 -9.17 16.43 17.36
N SER B 112 -8.45 15.30 17.29
CA SER B 112 -7.93 14.79 16.03
C SER B 112 -8.80 13.63 15.55
N THR B 113 -9.22 13.69 14.28
CA THR B 113 -10.21 12.75 13.78
C THR B 113 -9.64 11.43 13.28
N HIS B 114 -8.33 11.32 13.08
CA HIS B 114 -7.67 10.03 12.88
C HIS B 114 -6.16 10.26 12.96
N PHE B 115 -5.38 9.18 12.81
CA PHE B 115 -4.02 9.11 13.33
C PHE B 115 -2.96 9.65 12.39
N HIS B 116 -3.30 9.91 11.12
CA HIS B 116 -2.29 10.35 10.16
C HIS B 116 -1.71 11.70 10.54
N ASP B 117 -0.48 11.94 10.07
CA ASP B 117 0.29 13.11 10.50
C ASP B 117 -0.36 14.42 10.08
N ASP B 118 -1.15 14.44 9.02
CA ASP B 118 -1.87 15.69 8.73
C ASP B 118 -2.89 16.06 9.81
N ARG B 119 -3.48 15.09 10.52
CA ARG B 119 -4.50 15.45 11.49
C ARG B 119 -3.98 15.54 12.93
N VAL B 120 -2.93 14.79 13.29
CA VAL B 120 -2.24 14.98 14.57
C VAL B 120 -0.95 15.80 14.43
N GLY B 121 -0.45 16.01 13.22
CA GLY B 121 0.74 16.83 12.98
C GLY B 121 0.46 18.27 13.39
N GLY B 122 1.05 18.71 14.48
CA GLY B 122 0.66 19.96 15.08
C GLY B 122 0.19 19.82 16.52
N VAL B 123 -0.14 18.61 16.96
CA VAL B 123 -0.60 18.38 18.33
C VAL B 123 0.39 18.93 19.36
N ASP B 124 1.71 18.72 19.15
CA ASP B 124 2.69 19.24 20.11
C ASP B 124 2.64 20.77 20.21
N VAL B 125 2.45 21.47 19.10
CA VAL B 125 2.23 22.92 19.10
C VAL B 125 0.98 23.28 19.91
N LEU B 126 -0.15 22.58 19.68
CA LEU B 126 -1.35 22.89 20.46
C LEU B 126 -1.10 22.75 21.97
N ARG B 127 -0.49 21.65 22.37
CA ARG B 127 -0.28 21.39 23.78
C ARG B 127 0.65 22.46 24.36
N LYS B 128 1.69 22.80 23.62
CA LYS B 128 2.61 23.82 24.08
C LYS B 128 1.85 25.13 24.32
N ALA B 129 0.86 25.40 23.48
CA ALA B 129 0.05 26.60 23.60
C ALA B 129 -0.93 26.54 24.76
N GLY B 130 -1.05 25.40 25.45
CA GLY B 130 -2.06 25.28 26.47
C GLY B 130 -3.35 24.63 26.02
N VAL B 131 -3.41 24.07 24.82
CA VAL B 131 -4.64 23.44 24.34
C VAL B 131 -4.67 21.98 24.81
N ALA B 132 -5.80 21.56 25.39
CA ALA B 132 -6.00 20.17 25.76
C ALA B 132 -6.35 19.39 24.49
N THR B 133 -5.51 18.43 24.14
CA THR B 133 -5.69 17.67 22.89
C THR B 133 -6.29 16.30 23.13
N TYR B 134 -7.21 15.88 22.22
CA TYR B 134 -8.03 14.67 22.40
C TYR B 134 -8.07 13.83 21.13
N ALA B 135 -8.18 12.52 21.32
CA ALA B 135 -8.49 11.59 20.23
C ALA B 135 -8.96 10.28 20.85
N SER B 136 -9.48 9.41 19.99
CA SER B 136 -9.93 8.12 20.48
C SER B 136 -8.73 7.29 20.92
N PRO B 137 -8.95 6.32 21.80
CA PRO B 137 -7.87 5.37 22.15
C PRO B 137 -7.18 4.76 20.95
N SER B 138 -7.95 4.36 19.95
CA SER B 138 -7.37 3.74 18.76
C SER B 138 -6.50 4.74 17.99
N THR B 139 -6.99 5.96 17.81
CA THR B 139 -6.19 6.99 17.15
C THR B 139 -4.87 7.20 17.89
N ARG B 140 -4.93 7.30 19.22
CA ARG B 140 -3.71 7.49 20.01
C ARG B 140 -2.74 6.34 19.76
N ARG B 141 -3.18 5.10 19.95
CA ARG B 141 -2.32 3.96 19.71
C ARG B 141 -1.70 4.01 18.30
N LEU B 142 -2.56 4.11 17.28
CA LEU B 142 -2.10 4.16 15.91
C LEU B 142 -1.07 5.27 15.71
N ALA B 143 -1.30 6.45 16.30
CA ALA B 143 -0.38 7.56 16.04
C ALA B 143 0.97 7.31 16.71
N GLU B 144 0.95 6.69 17.90
CA GLU B 144 2.19 6.34 18.58
C GLU B 144 2.98 5.32 17.77
N ALA B 145 2.32 4.26 17.32
CA ALA B 145 2.98 3.20 16.58
C ALA B 145 3.59 3.73 15.30
N GLU B 146 3.00 4.79 14.77
CA GLU B 146 3.41 5.40 13.54
C GLU B 146 4.51 6.42 13.76
N GLY B 147 4.74 6.84 15.01
CA GLY B 147 5.74 7.84 15.32
C GLY B 147 5.24 9.26 15.28
N ASN B 148 3.93 9.45 15.10
CA ASN B 148 3.33 10.77 15.06
C ASN B 148 3.12 11.27 16.48
N GLU B 149 2.81 12.56 16.57
CA GLU B 149 2.46 13.16 17.85
C GLU B 149 1.14 12.57 18.33
N ILE B 150 0.96 12.54 19.64
CA ILE B 150 -0.09 11.77 20.29
C ILE B 150 -0.94 12.73 21.10
N PRO B 151 -2.24 12.89 20.79
CA PRO B 151 -3.08 13.74 21.65
C PRO B 151 -3.09 13.18 23.07
N THR B 152 -3.08 14.10 24.05
CA THR B 152 -2.96 13.73 25.45
C THR B 152 -4.16 12.95 25.97
N HIS B 153 -5.37 13.41 25.68
CA HIS B 153 -6.56 12.88 26.34
C HIS B 153 -7.25 11.87 25.42
N SER B 154 -7.83 10.84 26.05
CA SER B 154 -8.53 9.78 25.35
C SER B 154 -10.01 10.07 25.35
N LEU B 155 -10.62 10.00 24.19
CA LEU B 155 -12.06 10.14 24.08
C LEU B 155 -12.71 8.82 24.49
N GLU B 156 -13.82 8.92 25.21
CA GLU B 156 -14.54 7.72 25.64
C GLU B 156 -15.80 7.54 24.80
N GLY B 157 -16.13 6.29 24.54
CA GLY B 157 -17.43 5.95 24.01
C GLY B 157 -17.52 5.85 22.50
N LEU B 158 -16.41 5.71 21.80
CA LEU B 158 -16.39 5.69 20.33
C LEU B 158 -15.73 4.41 19.82
N SER B 159 -16.02 3.28 20.44
CA SER B 159 -15.30 2.07 20.11
C SER B 159 -15.92 1.29 18.96
N SER B 160 -17.22 1.42 18.72
CA SER B 160 -17.88 0.60 17.72
C SER B 160 -18.58 1.45 16.68
N SER B 161 -18.64 0.91 15.46
CA SER B 161 -19.36 1.56 14.36
C SER B 161 -20.73 2.00 14.83
N GLY B 162 -21.03 3.27 14.67
CA GLY B 162 -22.33 3.78 15.06
C GLY B 162 -22.35 4.50 16.39
N ASP B 163 -21.24 4.42 17.14
CA ASP B 163 -21.12 5.14 18.40
C ASP B 163 -21.03 6.64 18.15
N ALA B 164 -21.87 7.39 18.88
CA ALA B 164 -21.84 8.82 18.95
C ALA B 164 -21.65 9.26 20.38
N VAL B 165 -20.88 10.34 20.60
CA VAL B 165 -20.83 11.01 21.89
C VAL B 165 -20.90 12.52 21.65
N ARG B 166 -21.31 13.23 22.70
CA ARG B 166 -21.28 14.67 22.74
C ARG B 166 -19.94 15.12 23.33
N PHE B 167 -19.43 16.22 22.82
CA PHE B 167 -18.13 16.72 23.22
C PHE B 167 -18.20 18.23 23.00
N GLY B 168 -18.18 18.98 24.09
CA GLY B 168 -18.63 20.35 24.07
C GLY B 168 -19.86 20.49 23.16
N PRO B 169 -19.82 21.43 22.21
CA PRO B 169 -21.01 21.74 21.41
C PRO B 169 -21.22 20.89 20.16
N VAL B 170 -20.40 19.86 19.95
CA VAL B 170 -20.51 19.01 18.78
C VAL B 170 -20.77 17.58 19.21
N GLU B 171 -21.12 16.77 18.22
CA GLU B 171 -21.19 15.33 18.37
C GLU B 171 -20.06 14.69 17.57
N LEU B 172 -19.42 13.69 18.19
CA LEU B 172 -18.35 12.91 17.59
C LEU B 172 -18.94 11.57 17.24
N PHE B 173 -18.71 11.12 16.01
CA PHE B 173 -19.35 9.93 15.47
C PHE B 173 -18.30 9.06 14.78
N TYR B 174 -18.28 7.76 15.15
CA TYR B 174 -17.42 6.78 14.51
C TYR B 174 -18.27 6.00 13.51
N PRO B 175 -18.15 6.27 12.21
CA PRO B 175 -19.04 5.60 11.26
C PRO B 175 -18.59 4.19 10.92
N GLY B 176 -17.47 3.74 11.46
CA GLY B 176 -16.79 2.56 10.97
C GLY B 176 -15.62 2.94 10.08
N ALA B 177 -14.86 1.91 9.68
CA ALA B 177 -13.65 2.15 8.92
C ALA B 177 -13.99 2.69 7.53
N ALA B 178 -13.17 3.63 7.06
CA ALA B 178 -13.31 4.25 5.76
C ALA B 178 -11.93 4.60 5.21
N HIS B 179 -11.57 5.91 5.19
CA HIS B 179 -10.20 6.35 4.88
C HIS B 179 -9.17 5.70 5.80
N SER B 180 -9.49 5.59 7.09
CA SER B 180 -8.69 4.86 8.06
C SER B 180 -9.66 4.08 8.94
N THR B 181 -9.13 3.09 9.65
CA THR B 181 -9.98 2.30 10.54
C THR B 181 -10.53 3.13 11.70
N ASP B 182 -9.82 4.18 12.10
CA ASP B 182 -10.18 5.00 13.27
C ASP B 182 -10.91 6.31 12.96
N ASN B 183 -11.19 6.63 11.69
CA ASN B 183 -11.65 7.99 11.42
C ASN B 183 -12.96 8.31 12.11
N LEU B 184 -13.04 9.55 12.58
CA LEU B 184 -14.23 10.16 13.16
C LEU B 184 -14.75 11.26 12.26
N VAL B 185 -16.04 11.53 12.40
CA VAL B 185 -16.65 12.69 11.81
C VAL B 185 -17.29 13.51 12.92
N VAL B 186 -17.62 14.75 12.61
CA VAL B 186 -18.05 15.71 13.62
C VAL B 186 -19.27 16.44 13.11
N TYR B 187 -20.32 16.49 13.92
CA TYR B 187 -21.55 17.22 13.61
C TYR B 187 -21.71 18.35 14.61
N VAL B 188 -22.18 19.49 14.10
CA VAL B 188 -22.52 20.70 14.85
C VAL B 188 -24.03 20.92 14.77
N PRO B 189 -24.80 20.39 15.73
CA PRO B 189 -26.27 20.40 15.59
C PRO B 189 -26.87 21.79 15.48
N SER B 190 -26.30 22.80 16.14
CA SER B 190 -26.92 24.11 16.07
C SER B 190 -26.94 24.63 14.63
N ALA B 191 -25.96 24.25 13.81
CA ALA B 191 -25.86 24.73 12.45
C ALA B 191 -26.08 23.65 11.40
N ASN B 192 -26.26 22.38 11.81
CA ASN B 192 -26.40 21.28 10.87
C ASN B 192 -25.21 21.23 9.92
N VAL B 193 -24.03 21.45 10.48
CA VAL B 193 -22.77 21.30 9.78
C VAL B 193 -22.15 19.97 10.14
N LEU B 194 -21.87 19.19 9.11
CA LEU B 194 -21.10 17.96 9.22
C LEU B 194 -19.70 18.14 8.62
N TYR B 195 -18.68 17.82 9.40
CA TYR B 195 -17.30 17.74 8.94
C TYR B 195 -16.93 16.27 8.88
N GLY B 196 -16.56 15.81 7.70
CA GLY B 196 -16.35 14.40 7.58
C GLY B 196 -14.90 14.04 7.49
N GLY B 197 -13.99 15.02 7.64
CA GLY B 197 -12.58 14.75 7.43
C GLY B 197 -12.32 13.93 6.17
N ALA B 199 -12.72 10.83 5.41
CA ALA B 199 -13.77 9.84 5.00
C ALA B 199 -14.81 10.42 4.02
N VAL B 200 -14.74 11.71 3.76
CA VAL B 200 -15.69 12.37 2.87
C VAL B 200 -14.92 13.16 1.83
N LEU B 201 -15.23 12.88 0.56
CA LEU B 201 -14.64 13.51 -0.63
C LEU B 201 -15.42 14.71 -1.16
N ALA B 202 -14.67 15.72 -1.62
CA ALA B 202 -15.23 16.86 -2.33
C ALA B 202 -15.83 16.44 -3.68
N LEU B 203 -16.82 17.20 -4.13
CA LEU B 203 -17.46 16.92 -5.42
C LEU B 203 -16.42 16.74 -6.53
N SER B 204 -15.38 17.58 -6.54
CA SER B 204 -14.36 17.55 -7.58
C SER B 204 -13.61 16.22 -7.65
N ARG B 205 -13.64 15.41 -6.60
CA ARG B 205 -12.80 14.22 -6.56
C ARG B 205 -13.30 13.11 -7.48
N THR B 206 -12.35 12.47 -8.17
CA THR B 206 -12.64 11.25 -8.92
C THR B 206 -11.91 10.04 -8.38
N SER B 207 -11.05 10.19 -7.38
CA SER B 207 -10.35 9.05 -6.82
C SER B 207 -10.55 9.05 -5.31
N ALA B 208 -10.42 7.87 -4.73
CA ALA B 208 -10.52 7.70 -3.29
C ALA B 208 -9.27 8.16 -2.55
N GLY B 209 -8.25 8.59 -3.28
CA GLY B 209 -7.09 9.14 -2.66
C GLY B 209 -6.06 8.11 -2.26
N ASN B 210 -5.38 8.42 -1.14
CA ASN B 210 -4.31 7.62 -0.57
C ASN B 210 -4.95 6.54 0.29
N VAL B 211 -5.08 5.32 -0.26
CA VAL B 211 -5.93 4.28 0.34
C VAL B 211 -5.12 3.17 1.00
N ALA B 212 -3.82 3.37 1.18
CA ALA B 212 -2.99 2.39 1.87
C ALA B 212 -3.62 1.94 3.19
N ASP B 213 -4.08 2.89 3.98
CA ASP B 213 -4.63 2.61 5.30
C ASP B 213 -6.16 2.55 5.29
N ALA B 214 -6.77 2.56 4.12
CA ALA B 214 -8.23 2.57 3.99
C ALA B 214 -8.81 1.16 3.92
N ASP B 215 -10.08 1.06 4.31
CA ASP B 215 -10.85 -0.17 4.19
C ASP B 215 -11.91 0.10 3.12
N LEU B 216 -11.54 -0.16 1.88
CA LEU B 216 -12.43 0.13 0.77
C LEU B 216 -13.68 -0.74 0.82
N ALA B 217 -13.60 -1.91 1.46
CA ALA B 217 -14.77 -2.78 1.60
C ALA B 217 -15.80 -2.17 2.54
N GLU B 218 -15.36 -1.50 3.61
CA GLU B 218 -16.29 -0.96 4.59
C GLU B 218 -16.65 0.50 4.35
N TRP B 219 -15.87 1.22 3.57
CA TRP B 219 -16.08 2.67 3.43
C TRP B 219 -17.50 3.01 3.00
N PRO B 220 -18.09 2.39 1.96
CA PRO B 220 -19.46 2.79 1.59
C PRO B 220 -20.46 2.51 2.68
N THR B 221 -20.29 1.39 3.37
CA THR B 221 -21.13 1.09 4.53
C THR B 221 -20.97 2.16 5.60
N SER B 222 -19.73 2.60 5.85
CA SER B 222 -19.52 3.62 6.87
C SER B 222 -20.19 4.95 6.47
N VAL B 223 -20.09 5.32 5.18
CA VAL B 223 -20.80 6.49 4.66
C VAL B 223 -22.31 6.32 4.88
N GLU B 224 -22.85 5.15 4.55
CA GLU B 224 -24.28 4.90 4.79
C GLU B 224 -24.66 5.24 6.24
N ARG B 225 -23.79 4.90 7.19
CA ARG B 225 -24.10 5.18 8.59
C ARG B 225 -24.16 6.67 8.84
N ILE B 226 -23.21 7.43 8.29
CA ILE B 226 -23.27 8.89 8.41
C ILE B 226 -24.58 9.40 7.82
N GLN B 227 -24.90 8.93 6.62
CA GLN B 227 -26.12 9.35 5.92
C GLN B 227 -27.35 9.13 6.78
N LYS B 228 -27.49 7.94 7.37
CA LYS B 228 -28.70 7.67 8.15
C LYS B 228 -28.70 8.42 9.47
N HIS B 229 -27.52 8.75 9.98
CA HIS B 229 -27.46 9.40 11.27
C HIS B 229 -27.64 10.91 11.21
N TYR B 230 -27.18 11.56 10.11
CA TYR B 230 -27.24 13.02 9.95
C TYR B 230 -28.07 13.42 8.73
N PRO B 231 -29.31 12.91 8.64
CA PRO B 231 -30.19 13.30 7.52
C PRO B 231 -30.47 14.79 7.44
N GLU B 232 -30.32 15.52 8.53
CA GLU B 232 -30.70 16.92 8.53
C GLU B 232 -29.55 17.81 8.15
N ALA B 233 -28.41 17.24 7.75
CA ALA B 233 -27.22 18.06 7.50
C ALA B 233 -27.45 19.02 6.35
N GLU B 234 -26.99 20.27 6.51
CA GLU B 234 -27.11 21.29 5.48
C GLU B 234 -25.79 21.63 4.81
N VAL B 235 -24.70 21.52 5.55
CA VAL B 235 -23.36 21.77 5.03
C VAL B 235 -22.49 20.58 5.42
N VAL B 236 -21.84 19.98 4.43
CA VAL B 236 -20.88 18.91 4.63
C VAL B 236 -19.50 19.43 4.22
N ILE B 237 -18.53 19.27 5.10
CA ILE B 237 -17.18 19.76 4.85
C ILE B 237 -16.29 18.53 4.62
N PRO B 238 -15.79 18.32 3.41
CA PRO B 238 -14.87 17.21 3.17
C PRO B 238 -13.51 17.53 3.77
N GLY B 239 -12.66 16.50 3.85
CA GLY B 239 -11.33 16.68 4.40
C GLY B 239 -10.43 17.59 3.60
N HIS B 240 -10.64 17.66 2.29
CA HIS B 240 -9.92 18.52 1.37
C HIS B 240 -10.95 19.07 0.39
N GLY B 241 -10.86 20.36 0.07
CA GLY B 241 -11.66 20.91 -1.01
C GLY B 241 -12.93 21.59 -0.52
N LEU B 242 -13.79 21.87 -1.49
CA LEU B 242 -14.91 22.77 -1.28
C LEU B 242 -16.00 22.11 -0.43
N PRO B 243 -16.67 22.85 0.45
CA PRO B 243 -17.84 22.31 1.12
C PRO B 243 -18.97 22.09 0.12
N GLY B 244 -19.96 21.34 0.56
CA GLY B 244 -21.14 21.06 -0.26
C GLY B 244 -22.29 20.70 0.66
N GLY B 245 -23.23 19.91 0.13
CA GLY B 245 -24.31 19.36 0.91
C GLY B 245 -24.24 17.85 1.06
N LEU B 246 -25.36 17.27 1.46
CA LEU B 246 -25.47 15.82 1.52
C LEU B 246 -25.00 15.15 0.24
N ASP B 247 -25.02 15.84 -0.89
CA ASP B 247 -24.50 15.24 -2.11
C ASP B 247 -23.06 14.74 -1.94
N LEU B 248 -22.27 15.34 -1.02
CA LEU B 248 -20.89 14.89 -0.85
C LEU B 248 -20.84 13.47 -0.34
N LEU B 249 -21.79 13.05 0.47
CA LEU B 249 -21.74 11.71 1.01
C LEU B 249 -22.03 10.70 -0.09
N GLN B 250 -23.11 10.93 -0.84
CA GLN B 250 -23.38 10.09 -1.98
C GLN B 250 -22.19 10.08 -2.95
N HIS B 251 -21.59 11.25 -3.21
CA HIS B 251 -20.49 11.30 -4.18
C HIS B 251 -19.31 10.49 -3.69
N THR B 252 -19.02 10.55 -2.37
CA THR B 252 -18.00 9.72 -1.78
C THR B 252 -18.33 8.25 -2.00
N ALA B 253 -19.53 7.85 -1.60
CA ALA B 253 -19.94 6.47 -1.82
C ALA B 253 -19.74 6.04 -3.28
N ASN B 254 -20.06 6.90 -4.23
CA ASN B 254 -19.90 6.50 -5.64
C ASN B 254 -18.43 6.32 -6.03
N VAL B 255 -17.56 7.24 -5.61
CA VAL B 255 -16.14 7.17 -5.95
C VAL B 255 -15.53 5.89 -5.38
N VAL B 256 -15.83 5.58 -4.12
CA VAL B 256 -15.21 4.42 -3.49
C VAL B 256 -15.67 3.13 -4.14
N THR B 257 -16.96 3.05 -4.50
CA THR B 257 -17.46 1.83 -5.12
C THR B 257 -16.88 1.67 -6.52
N ALA B 258 -16.76 2.76 -7.26
CA ALA B 258 -16.17 2.66 -8.59
C ALA B 258 -14.70 2.25 -8.52
N HIS B 259 -13.95 2.79 -7.54
CA HIS B 259 -12.60 2.30 -7.26
C HIS B 259 -12.60 0.77 -7.11
N LYS B 260 -13.49 0.26 -6.26
CA LYS B 260 -13.56 -1.18 -6.03
C LYS B 260 -13.85 -1.93 -7.33
N ASN B 261 -14.76 -1.40 -8.15
CA ASN B 261 -15.06 -2.03 -9.42
C ASN B 261 -13.90 -1.86 -10.48
N ARG B 262 -12.76 -1.32 -10.05
CA ARG B 262 -11.58 -1.07 -10.88
C ARG B 262 -11.90 -0.15 -12.05
N GLU C 32 -0.61 -44.46 4.97
CA GLU C 32 -1.81 -43.76 4.52
C GLU C 32 -1.59 -42.23 4.38
N TYR C 33 -0.25 -41.75 4.44
CA TYR C 33 0.04 -40.30 4.36
C TYR C 33 0.22 -39.89 2.90
N PRO C 34 -0.31 -38.74 2.48
CA PRO C 34 -0.28 -38.39 1.06
C PRO C 34 1.08 -37.86 0.64
N THR C 35 1.36 -38.01 -0.65
CA THR C 35 2.68 -37.75 -1.23
C THR C 35 2.54 -36.93 -2.51
N VAL C 36 3.69 -36.54 -3.05
CA VAL C 36 3.75 -35.65 -4.21
C VAL C 36 3.25 -36.35 -5.46
C ASN C 37 0.98 -38.46 -6.81
N GLU C 38 0.59 -38.09 -5.59
CA GLU C 38 -0.82 -38.17 -5.15
C GLU C 38 -1.55 -36.84 -4.93
N ILE C 39 -0.85 -35.72 -5.01
CA ILE C 39 -1.49 -34.43 -4.73
C ILE C 39 -1.23 -33.51 -5.91
N PRO C 40 -2.24 -33.22 -6.74
CA PRO C 40 -2.04 -32.28 -7.85
C PRO C 40 -1.75 -30.88 -7.32
N VAL C 41 -0.80 -30.20 -7.94
CA VAL C 41 -0.48 -28.84 -7.52
C VAL C 41 -1.76 -28.02 -7.53
N GLY C 42 -2.05 -27.36 -6.42
CA GLY C 42 -3.22 -26.52 -6.31
C GLY C 42 -4.29 -27.06 -5.40
N GLU C 43 -4.30 -28.36 -5.15
CA GLU C 43 -5.17 -28.99 -4.16
C GLU C 43 -4.43 -29.17 -2.84
N VAL C 44 -5.21 -29.30 -1.77
CA VAL C 44 -4.69 -29.42 -0.41
C VAL C 44 -5.38 -30.58 0.28
N ARG C 45 -4.61 -31.45 0.90
CA ARG C 45 -5.14 -32.53 1.71
C ARG C 45 -4.98 -32.18 3.19
N LEU C 46 -5.87 -32.68 4.03
CA LEU C 46 -5.71 -32.61 5.47
C LEU C 46 -5.64 -34.03 5.98
N TYR C 47 -4.75 -34.29 6.92
CA TYR C 47 -4.55 -35.62 7.48
C TYR C 47 -4.58 -35.48 8.99
N GLN C 48 -5.43 -36.27 9.64
CA GLN C 48 -5.71 -36.10 11.06
C GLN C 48 -4.68 -36.86 11.87
N ILE C 49 -3.98 -36.14 12.74
CA ILE C 49 -2.86 -36.67 13.52
C ILE C 49 -3.33 -37.19 14.86
N ALA C 50 -4.15 -36.40 15.55
CA ALA C 50 -4.73 -36.77 16.82
C ALA C 50 -6.07 -36.07 16.93
N ASP C 51 -6.72 -36.16 18.09
CA ASP C 51 -7.90 -35.34 18.35
C ASP C 51 -7.54 -33.87 18.22
N GLY C 52 -8.22 -33.18 17.31
CA GLY C 52 -8.02 -31.75 17.16
C GLY C 52 -6.71 -31.33 16.50
N VAL C 53 -5.95 -32.24 15.91
CA VAL C 53 -4.68 -31.92 15.28
C VAL C 53 -4.67 -32.53 13.87
N TRP C 54 -4.45 -31.70 12.87
CA TRP C 54 -4.31 -32.14 11.49
C TRP C 54 -3.02 -31.56 10.92
N SER C 55 -2.43 -32.27 9.98
CA SER C 55 -1.46 -31.64 9.10
C SER C 55 -2.22 -31.26 7.84
N HIS C 56 -1.76 -30.19 7.21
CA HIS C 56 -2.18 -29.87 5.86
C HIS C 56 -0.99 -30.06 4.91
N ILE C 57 -1.22 -30.76 3.81
CA ILE C 57 -0.20 -31.07 2.83
C ILE C 57 -0.57 -30.41 1.51
N ALA C 58 0.40 -29.77 0.88
CA ALA C 58 0.21 -29.10 -0.39
C ALA C 58 1.39 -29.43 -1.30
N THR C 59 1.32 -29.00 -2.55
CA THR C 59 2.43 -29.19 -3.47
C THR C 59 2.67 -27.90 -4.23
N GLN C 60 3.92 -27.68 -4.59
CA GLN C 60 4.22 -26.48 -5.35
C GLN C 60 5.36 -26.77 -6.32
N SER C 61 5.37 -26.03 -7.43
CA SER C 61 6.48 -26.06 -8.38
C SER C 61 7.50 -25.03 -7.93
N PHE C 62 8.74 -25.45 -7.79
CA PHE C 62 9.73 -24.57 -7.18
C PHE C 62 11.11 -25.03 -7.61
N ASP C 63 11.88 -24.10 -8.16
CA ASP C 63 13.26 -24.35 -8.49
C ASP C 63 13.38 -25.53 -9.46
N GLY C 64 12.40 -25.65 -10.37
CA GLY C 64 12.42 -26.68 -11.39
C GLY C 64 11.70 -27.97 -11.08
N ALA C 65 11.26 -28.20 -9.84
CA ALA C 65 10.78 -29.51 -9.41
C ALA C 65 9.41 -29.39 -8.76
N VAL C 66 8.91 -30.53 -8.28
CA VAL C 66 7.60 -30.63 -7.63
C VAL C 66 7.83 -31.10 -6.21
N TYR C 67 7.35 -30.29 -5.25
CA TYR C 67 7.68 -30.43 -3.85
C TYR C 67 6.40 -30.51 -3.02
N PRO C 68 6.24 -31.53 -2.19
CA PRO C 68 5.20 -31.53 -1.17
C PRO C 68 5.62 -30.69 0.02
N SER C 69 4.64 -30.33 0.86
CA SER C 69 4.91 -29.45 2.00
C SER C 69 3.84 -29.61 3.08
N ASN C 70 4.26 -29.73 4.33
CA ASN C 70 3.32 -29.89 5.45
C ASN C 70 3.15 -28.59 6.21
N GLY C 71 1.93 -28.36 6.69
CA GLY C 71 1.75 -27.45 7.84
C GLY C 71 0.89 -28.06 8.91
N LEU C 72 0.35 -27.26 9.83
CA LEU C 72 -0.37 -27.79 10.97
C LEU C 72 -1.66 -27.02 11.22
N ILE C 73 -2.64 -27.74 11.77
CA ILE C 73 -3.91 -27.16 12.20
C ILE C 73 -4.22 -27.70 13.57
N VAL C 74 -4.59 -26.83 14.50
CA VAL C 74 -4.84 -27.20 15.89
C VAL C 74 -6.13 -26.57 16.39
N ARG C 75 -7.03 -27.39 16.90
CA ARG C 75 -8.30 -26.90 17.37
C ARG C 75 -8.12 -26.33 18.76
N ASP C 76 -8.81 -25.23 19.01
CA ASP C 76 -8.70 -24.51 20.28
C ASP C 76 -10.09 -23.97 20.60
N GLY C 77 -10.86 -24.70 21.38
CA GLY C 77 -12.28 -24.38 21.52
C GLY C 77 -13.00 -24.68 20.22
N ASP C 78 -13.81 -23.73 19.74
CA ASP C 78 -14.53 -23.87 18.45
C ASP C 78 -13.87 -23.01 17.37
N GLU C 79 -12.53 -22.94 17.44
CA GLU C 79 -11.66 -22.18 16.56
C GLU C 79 -10.48 -23.03 16.17
N LEU C 80 -9.73 -22.58 15.17
CA LEU C 80 -8.56 -23.29 14.70
C LEU C 80 -7.37 -22.32 14.63
N LEU C 81 -6.21 -22.84 15.02
CA LEU C 81 -4.93 -22.18 14.86
C LEU C 81 -4.21 -22.81 13.67
N LEU C 82 -3.88 -22.02 12.65
CA LEU C 82 -3.08 -22.50 11.53
C LEU C 82 -1.58 -22.24 11.71
N ILE C 83 -0.77 -23.25 11.42
CA ILE C 83 0.67 -23.13 11.37
C ILE C 83 1.10 -23.26 9.92
N ASP C 84 1.69 -22.19 9.38
CA ASP C 84 2.19 -22.06 8.02
C ASP C 84 1.10 -22.07 6.95
N THR C 85 1.33 -21.26 5.91
CA THR C 85 0.42 -21.24 4.78
C THR C 85 0.49 -22.59 4.04
N ALA C 86 -0.26 -22.70 2.94
CA ALA C 86 -0.12 -23.85 2.05
C ALA C 86 0.77 -23.53 0.84
N TRP C 87 1.74 -22.64 1.01
CA TRP C 87 2.64 -22.33 -0.10
C TRP C 87 1.96 -21.58 -1.24
N GLY C 88 1.76 -20.27 -1.09
CA GLY C 88 1.27 -19.44 -2.17
C GLY C 88 -0.21 -19.14 -2.04
N ALA C 89 -0.65 -18.12 -2.78
CA ALA C 89 -2.00 -17.61 -2.65
C ALA C 89 -3.03 -18.68 -3.02
N LYS C 90 -2.85 -19.34 -4.17
CA LYS C 90 -3.85 -20.31 -4.59
C LYS C 90 -3.96 -21.46 -3.60
N ASN C 91 -2.84 -22.09 -3.27
CA ASN C 91 -2.90 -23.22 -2.36
C ASN C 91 -3.57 -22.84 -1.02
N THR C 92 -3.32 -21.62 -0.52
CA THR C 92 -3.85 -21.24 0.80
C THR C 92 -5.36 -21.02 0.73
N ALA C 93 -5.85 -20.49 -0.39
CA ALA C 93 -7.29 -20.46 -0.61
C ALA C 93 -7.84 -21.87 -0.58
N ALA C 94 -7.19 -22.79 -1.32
CA ALA C 94 -7.65 -24.18 -1.33
C ALA C 94 -7.71 -24.71 0.09
N LEU C 95 -6.65 -24.49 0.84
CA LEU C 95 -6.57 -24.89 2.23
C LEU C 95 -7.76 -24.39 3.01
N LEU C 96 -8.12 -23.13 2.85
CA LEU C 96 -9.23 -22.61 3.64
C LEU C 96 -10.54 -23.32 3.27
N ALA C 97 -10.69 -23.69 2.01
CA ALA C 97 -11.89 -24.40 1.58
C ALA C 97 -11.96 -25.80 2.17
N GLU C 98 -10.84 -26.54 2.10
CA GLU C 98 -10.83 -27.90 2.63
C GLU C 98 -11.12 -27.92 4.13
N ILE C 99 -10.56 -26.96 4.86
CA ILE C 99 -10.83 -26.83 6.30
C ILE C 99 -12.31 -26.60 6.54
N GLU C 100 -12.92 -25.68 5.80
CA GLU C 100 -14.36 -25.47 5.96
C GLU C 100 -15.13 -26.75 5.65
N LYS C 101 -14.74 -27.48 4.63
CA LYS C 101 -15.52 -28.65 4.23
C LYS C 101 -15.34 -29.77 5.23
N GLN C 102 -14.09 -29.99 5.67
CA GLN C 102 -13.74 -31.19 6.43
C GLN C 102 -13.83 -30.97 7.92
N ILE C 103 -13.55 -29.76 8.39
CA ILE C 103 -13.49 -29.45 9.81
C ILE C 103 -14.68 -28.58 10.23
N GLY C 104 -15.04 -27.59 9.43
CA GLY C 104 -16.23 -26.79 9.66
C GLY C 104 -16.12 -25.74 10.75
N LEU C 105 -14.90 -25.33 11.08
CA LEU C 105 -14.61 -24.35 12.13
C LEU C 105 -13.74 -23.25 11.57
N PRO C 106 -13.81 -22.06 12.15
CA PRO C 106 -13.04 -20.94 11.61
C PRO C 106 -11.60 -20.93 12.06
N VAL C 107 -10.73 -20.65 11.10
CA VAL C 107 -9.34 -20.29 11.39
C VAL C 107 -9.32 -18.84 11.82
N THR C 108 -8.84 -18.60 13.02
CA THR C 108 -8.79 -17.26 13.61
C THR C 108 -7.38 -16.68 13.66
N ARG C 109 -6.37 -17.53 13.67
CA ARG C 109 -5.01 -17.04 13.72
C ARG C 109 -4.11 -17.99 12.97
N ALA C 110 -2.98 -17.45 12.53
CA ALA C 110 -1.98 -18.20 11.79
C ALA C 110 -0.60 -17.72 12.20
N VAL C 111 0.32 -18.66 12.24
CA VAL C 111 1.70 -18.43 12.62
C VAL C 111 2.56 -18.92 11.48
N SER C 112 3.51 -18.08 11.04
CA SER C 112 4.51 -18.49 10.08
C SER C 112 5.83 -18.83 10.80
N THR C 113 6.36 -20.02 10.54
CA THR C 113 7.54 -20.49 11.25
C THR C 113 8.86 -19.99 10.67
N HIS C 114 8.88 -19.40 9.48
CA HIS C 114 10.04 -18.61 9.04
C HIS C 114 9.67 -17.86 7.76
N PHE C 115 10.63 -17.09 7.25
CA PHE C 115 10.28 -16.05 6.30
C PHE C 115 10.24 -16.50 4.85
N HIS C 116 10.59 -17.73 4.52
CA HIS C 116 10.64 -18.11 3.12
C HIS C 116 9.25 -18.09 2.54
N ASP C 117 9.18 -17.88 1.23
CA ASP C 117 7.90 -17.64 0.59
C ASP C 117 6.94 -18.82 0.70
N ASP C 118 7.44 -20.03 0.93
CA ASP C 118 6.57 -21.18 1.16
C ASP C 118 5.81 -21.11 2.48
N ARG C 119 6.29 -20.37 3.49
CA ARG C 119 5.59 -20.31 4.77
C ARG C 119 4.85 -18.99 5.00
N VAL C 120 5.25 -17.89 4.36
CA VAL C 120 4.44 -16.68 4.41
C VAL C 120 3.67 -16.42 3.12
N GLY C 121 3.87 -17.25 2.10
CA GLY C 121 3.15 -17.09 0.85
C GLY C 121 1.74 -17.58 1.01
N GLY C 122 0.77 -16.68 0.88
CA GLY C 122 -0.60 -16.91 1.29
C GLY C 122 -1.05 -16.09 2.48
N VAL C 123 -0.17 -15.27 3.05
CA VAL C 123 -0.53 -14.50 4.24
C VAL C 123 -1.61 -13.49 3.90
N ASP C 124 -1.49 -12.79 2.76
CA ASP C 124 -2.52 -11.83 2.39
C ASP C 124 -3.86 -12.51 2.13
N VAL C 125 -3.87 -13.74 1.61
CA VAL C 125 -5.10 -14.50 1.47
C VAL C 125 -5.75 -14.73 2.83
N LEU C 126 -4.96 -15.24 3.80
CA LEU C 126 -5.45 -15.42 5.16
C LEU C 126 -5.97 -14.10 5.73
N ARG C 127 -5.16 -13.06 5.62
CA ARG C 127 -5.58 -11.75 6.12
C ARG C 127 -6.92 -11.37 5.52
N LYS C 128 -7.08 -11.57 4.20
CA LYS C 128 -8.34 -11.20 3.55
C LYS C 128 -9.51 -11.97 4.14
N ALA C 129 -9.32 -13.26 4.39
CA ALA C 129 -10.36 -14.02 5.05
C ALA C 129 -10.52 -13.70 6.52
N GLY C 130 -9.79 -12.73 7.06
CA GLY C 130 -10.01 -12.38 8.46
C GLY C 130 -9.12 -13.08 9.43
N VAL C 131 -8.10 -13.79 8.95
CA VAL C 131 -7.20 -14.55 9.81
C VAL C 131 -6.13 -13.61 10.32
N ALA C 132 -5.91 -13.64 11.62
CA ALA C 132 -4.84 -12.85 12.22
C ALA C 132 -3.51 -13.58 12.03
N THR C 133 -2.61 -12.96 11.28
CA THR C 133 -1.32 -13.57 10.94
C THR C 133 -0.21 -13.08 11.85
N TYR C 134 0.62 -14.03 12.32
CA TYR C 134 1.69 -13.79 13.27
C TYR C 134 3.02 -14.35 12.77
N ALA C 135 4.11 -13.81 13.32
CA ALA C 135 5.44 -14.34 13.09
C ALA C 135 6.39 -13.61 14.01
N SER C 136 7.56 -14.20 14.26
CA SER C 136 8.51 -13.55 15.16
C SER C 136 9.01 -12.24 14.56
N PRO C 137 9.59 -11.35 15.37
CA PRO C 137 10.18 -10.11 14.82
C PRO C 137 11.28 -10.38 13.82
N SER C 138 12.13 -11.36 14.12
CA SER C 138 13.17 -11.74 13.17
C SER C 138 12.55 -12.19 11.84
N THR C 139 11.48 -13.00 11.90
CA THR C 139 10.86 -13.46 10.66
C THR C 139 10.22 -12.29 9.89
N ARG C 140 9.62 -11.35 10.60
CA ARG C 140 8.94 -10.26 9.91
C ARG C 140 9.93 -9.37 9.17
N ARG C 141 11.06 -9.06 9.80
CA ARG C 141 12.08 -8.21 9.16
C ARG C 141 12.72 -8.90 7.97
N LEU C 142 13.10 -10.17 8.13
CA LEU C 142 13.69 -10.92 7.02
C LEU C 142 12.71 -11.07 5.86
N ALA C 143 11.44 -11.26 6.18
CA ALA C 143 10.41 -11.28 5.14
C ALA C 143 10.35 -9.95 4.41
N GLU C 144 10.34 -8.85 5.17
CA GLU C 144 10.26 -7.53 4.56
C GLU C 144 11.45 -7.30 3.63
N ALA C 145 12.64 -7.58 4.14
CA ALA C 145 13.87 -7.40 3.36
C ALA C 145 13.84 -8.25 2.11
N GLU C 146 13.40 -9.50 2.25
CA GLU C 146 13.26 -10.37 1.08
C GLU C 146 12.16 -9.89 0.15
N GLY C 147 11.29 -9.01 0.61
CA GLY C 147 10.18 -8.52 -0.18
C GLY C 147 8.98 -9.44 -0.19
N ASN C 148 8.84 -10.34 0.77
CA ASN C 148 7.71 -11.25 0.86
C ASN C 148 6.57 -10.65 1.67
N GLU C 149 5.45 -11.34 1.64
CA GLU C 149 4.33 -11.04 2.52
C GLU C 149 4.79 -11.08 3.97
N ILE C 150 4.34 -10.11 4.76
CA ILE C 150 4.76 -9.95 6.15
C ILE C 150 3.54 -10.18 7.05
N PRO C 151 3.58 -11.17 7.92
CA PRO C 151 2.48 -11.33 8.89
C PRO C 151 2.29 -10.06 9.72
N THR C 152 1.04 -9.77 10.04
CA THR C 152 0.68 -8.51 10.69
C THR C 152 1.28 -8.40 12.09
N HIS C 153 1.09 -9.42 12.91
CA HIS C 153 1.36 -9.34 14.34
C HIS C 153 2.71 -9.98 14.69
N SER C 154 3.37 -9.49 15.75
CA SER C 154 4.64 -10.06 16.17
C SER C 154 4.54 -10.96 17.39
N LEU C 155 5.25 -12.09 17.34
CA LEU C 155 5.44 -12.94 18.52
C LEU C 155 6.62 -12.48 19.37
N GLU C 156 6.31 -11.91 20.53
CA GLU C 156 7.30 -11.52 21.51
C GLU C 156 7.83 -12.74 22.25
N GLY C 157 9.07 -12.65 22.72
CA GLY C 157 9.59 -13.67 23.61
C GLY C 157 10.33 -14.81 22.97
N LEU C 158 10.68 -14.70 21.67
CA LEU C 158 11.28 -15.81 20.94
C LEU C 158 12.64 -15.43 20.33
N SER C 159 13.35 -14.49 20.98
CA SER C 159 14.51 -13.85 20.36
C SER C 159 15.79 -14.66 20.51
N SER C 160 15.88 -15.49 21.53
CA SER C 160 17.10 -16.26 21.79
C SER C 160 16.80 -17.73 21.65
N SER C 161 17.75 -18.49 21.11
CA SER C 161 17.60 -19.93 21.04
C SER C 161 17.25 -20.48 22.40
N GLY C 162 16.43 -21.54 22.42
CA GLY C 162 15.86 -22.03 23.66
C GLY C 162 14.67 -21.26 24.19
N ASP C 163 14.27 -20.15 23.57
CA ASP C 163 13.11 -19.40 24.04
C ASP C 163 11.83 -20.18 23.72
N ALA C 164 10.88 -20.16 24.64
CA ALA C 164 9.59 -20.81 24.41
C ALA C 164 8.46 -19.91 24.90
N VAL C 165 7.36 -19.88 24.13
CA VAL C 165 6.16 -19.18 24.58
C VAL C 165 4.94 -20.04 24.27
N ARG C 166 3.89 -19.82 25.04
N ARG C 166 3.88 -19.84 25.04
CA ARG C 166 2.60 -20.42 24.74
CA ARG C 166 2.59 -20.46 24.74
C ARG C 166 1.83 -19.50 23.78
C ARG C 166 1.80 -19.53 23.83
N PHE C 167 1.15 -20.11 22.82
CA PHE C 167 0.37 -19.34 21.86
C PHE C 167 -0.89 -20.14 21.54
N GLY C 168 -2.05 -19.64 21.94
CA GLY C 168 -3.23 -20.47 21.92
C GLY C 168 -2.92 -21.75 22.67
N PRO C 169 -3.28 -22.92 22.14
CA PRO C 169 -3.01 -24.16 22.86
C PRO C 169 -1.68 -24.83 22.54
N VAL C 170 -0.79 -24.20 21.79
CA VAL C 170 0.48 -24.83 21.43
C VAL C 170 1.62 -24.10 22.14
N GLU C 171 2.80 -24.70 22.06
CA GLU C 171 4.02 -24.02 22.46
C GLU C 171 4.84 -23.71 21.22
N LEU C 172 5.26 -22.47 21.10
CA LEU C 172 6.22 -22.07 20.08
C LEU C 172 7.62 -22.11 20.67
N PHE C 173 8.56 -22.73 19.94
CA PHE C 173 9.94 -22.90 20.41
C PHE C 173 10.95 -22.46 19.36
N TYR C 174 11.88 -21.58 19.76
CA TYR C 174 12.95 -21.16 18.86
C TYR C 174 14.20 -21.96 19.21
N PRO C 175 14.56 -22.99 18.44
CA PRO C 175 15.67 -23.86 18.82
C PRO C 175 17.04 -23.35 18.43
N GLY C 176 17.09 -22.21 17.77
CA GLY C 176 18.31 -21.68 17.18
C GLY C 176 18.32 -21.88 15.69
N ALA C 177 19.27 -21.20 15.05
CA ALA C 177 19.42 -21.28 13.60
C ALA C 177 19.48 -22.72 13.14
N ALA C 178 18.81 -23.01 12.02
CA ALA C 178 18.89 -24.33 11.41
C ALA C 178 18.75 -24.20 9.90
N HIS C 179 17.60 -24.60 9.35
CA HIS C 179 17.30 -24.40 7.93
C HIS C 179 17.34 -22.92 7.59
N SER C 180 16.91 -22.10 8.54
CA SER C 180 16.98 -20.64 8.48
C SER C 180 17.32 -20.14 9.88
N THR C 181 17.68 -18.86 9.98
CA THR C 181 18.10 -18.34 11.27
C THR C 181 16.91 -18.04 12.18
N ASP C 182 15.70 -17.86 11.61
CA ASP C 182 14.49 -17.54 12.36
C ASP C 182 13.57 -18.72 12.61
N ASN C 183 13.94 -19.93 12.19
CA ASN C 183 12.94 -20.99 12.15
C ASN C 183 12.46 -21.32 13.55
N LEU C 184 11.14 -21.41 13.69
CA LEU C 184 10.46 -21.90 14.89
C LEU C 184 9.90 -23.31 14.66
N VAL C 185 9.68 -24.03 15.76
CA VAL C 185 8.97 -25.30 15.76
C VAL C 185 7.81 -25.16 16.73
N VAL C 186 6.84 -26.07 16.62
CA VAL C 186 5.57 -25.96 17.34
C VAL C 186 5.27 -27.28 18.03
N TYR C 187 4.96 -27.22 19.32
CA TYR C 187 4.54 -28.39 20.07
C TYR C 187 3.12 -28.23 20.56
N VAL C 188 2.33 -29.28 20.38
CA VAL C 188 0.94 -29.35 20.80
C VAL C 188 0.93 -30.28 22.01
N PRO C 189 1.06 -29.77 23.23
CA PRO C 189 1.21 -30.69 24.37
C PRO C 189 0.04 -31.65 24.52
N SER C 190 -1.18 -31.22 24.21
CA SER C 190 -2.32 -32.08 24.50
C SER C 190 -2.22 -33.41 23.75
N ALA C 191 -1.34 -33.49 22.76
CA ALA C 191 -1.20 -34.71 21.96
C ALA C 191 0.26 -35.07 21.72
N ASN C 192 1.19 -34.46 22.42
CA ASN C 192 2.62 -34.68 22.18
C ASN C 192 2.93 -34.78 20.68
N VAL C 193 2.40 -33.82 19.92
CA VAL C 193 2.73 -33.67 18.51
C VAL C 193 3.68 -32.51 18.34
N LEU C 194 4.81 -32.76 17.68
CA LEU C 194 5.83 -31.77 17.38
C LEU C 194 5.89 -31.51 15.89
N TYR C 195 5.71 -30.26 15.48
CA TYR C 195 5.85 -29.87 14.09
C TYR C 195 7.16 -29.08 13.96
N GLY C 196 8.09 -29.63 13.18
CA GLY C 196 9.46 -29.14 13.15
C GLY C 196 9.75 -28.15 12.05
N GLY C 197 8.83 -27.95 11.13
CA GLY C 197 9.07 -27.10 10.00
C GLY C 197 10.23 -27.61 9.18
N ALA C 199 13.12 -27.23 9.60
CA ALA C 199 14.22 -27.57 10.48
C ALA C 199 14.32 -29.06 10.78
N VAL C 200 13.30 -29.83 10.42
CA VAL C 200 13.29 -31.27 10.67
C VAL C 200 12.98 -32.00 9.38
N LEU C 201 13.83 -32.96 9.02
CA LEU C 201 13.76 -33.72 7.78
C LEU C 201 13.02 -35.05 8.01
N ALA C 202 12.35 -35.51 6.98
CA ALA C 202 11.71 -36.82 7.04
C ALA C 202 12.76 -37.91 6.98
N LEU C 203 12.34 -39.14 7.25
CA LEU C 203 13.27 -40.27 7.22
C LEU C 203 13.78 -40.59 5.82
N SER C 204 13.03 -40.23 4.78
CA SER C 204 13.47 -40.45 3.40
C SER C 204 14.43 -39.38 2.89
N ARG C 205 14.91 -38.50 3.76
CA ARG C 205 15.77 -37.40 3.34
C ARG C 205 17.23 -37.80 3.44
N THR C 206 18.00 -37.48 2.42
CA THR C 206 19.43 -37.75 2.42
C THR C 206 20.30 -36.51 2.30
N SER C 207 19.72 -35.36 1.98
CA SER C 207 20.44 -34.10 1.90
C SER C 207 19.68 -33.05 2.69
N ALA C 208 20.40 -32.02 3.14
CA ALA C 208 19.76 -31.02 3.98
C ALA C 208 18.84 -30.08 3.21
N GLY C 209 18.80 -30.19 1.88
CA GLY C 209 17.90 -29.38 1.09
C GLY C 209 18.50 -28.11 0.55
N ASN C 210 17.64 -27.11 0.40
CA ASN C 210 18.06 -25.77 -0.01
C ASN C 210 18.63 -25.07 1.22
N VAL C 211 19.96 -24.99 1.27
CA VAL C 211 20.70 -24.50 2.45
C VAL C 211 21.25 -23.09 2.24
N ALA C 212 20.68 -22.33 1.30
CA ALA C 212 21.23 -21.01 1.00
C ALA C 212 21.26 -20.13 2.25
N ASP C 213 20.14 -20.04 2.97
CA ASP C 213 20.04 -19.27 4.21
C ASP C 213 20.23 -20.14 5.46
N ALA C 214 20.80 -21.34 5.32
CA ALA C 214 20.87 -22.22 6.46
C ALA C 214 22.18 -21.99 7.20
N ASP C 215 22.12 -22.23 8.50
CA ASP C 215 23.31 -22.15 9.35
C ASP C 215 23.71 -23.58 9.67
N LEU C 216 24.56 -24.16 8.83
CA LEU C 216 24.90 -25.57 8.99
C LEU C 216 25.78 -25.79 10.21
N ALA C 217 26.49 -24.77 10.67
CA ALA C 217 27.29 -24.94 11.87
C ALA C 217 26.40 -25.14 13.10
N GLU C 218 25.24 -24.49 13.15
CA GLU C 218 24.39 -24.57 14.34
C GLU C 218 23.33 -25.68 14.27
N TRP C 219 22.86 -26.05 13.07
CA TRP C 219 21.74 -27.00 12.94
C TRP C 219 21.83 -28.18 13.90
N PRO C 220 22.92 -28.96 13.94
CA PRO C 220 22.92 -30.20 14.75
C PRO C 220 22.66 -29.95 16.22
N THR C 221 23.06 -28.80 16.73
CA THR C 221 22.77 -28.50 18.13
C THR C 221 21.35 -27.96 18.30
N SER C 222 20.86 -27.21 17.33
CA SER C 222 19.47 -26.78 17.36
C SER C 222 18.53 -27.99 17.39
N VAL C 223 18.85 -29.05 16.64
CA VAL C 223 18.04 -30.27 16.71
C VAL C 223 18.23 -30.96 18.06
N GLU C 224 19.46 -31.01 18.57
CA GLU C 224 19.68 -31.59 19.89
C GLU C 224 18.89 -30.85 20.94
N ARG C 225 18.88 -29.52 20.86
CA ARG C 225 18.06 -28.71 21.76
C ARG C 225 16.58 -29.10 21.70
N ILE C 226 16.11 -29.52 20.52
CA ILE C 226 14.72 -29.95 20.40
C ILE C 226 14.53 -31.31 21.03
N GLN C 227 15.46 -32.23 20.76
CA GLN C 227 15.40 -33.56 21.35
C GLN C 227 15.25 -33.48 22.85
N LYS C 228 16.09 -32.68 23.50
CA LYS C 228 16.06 -32.58 24.95
C LYS C 228 14.85 -31.83 25.47
N HIS C 229 14.26 -30.96 24.64
CA HIS C 229 13.16 -30.13 25.12
C HIS C 229 11.78 -30.77 24.92
N TYR C 230 11.65 -31.74 24.02
CA TYR C 230 10.39 -32.44 23.81
C TYR C 230 10.62 -33.95 23.90
N PRO C 231 11.15 -34.42 25.03
CA PRO C 231 11.34 -35.87 25.21
C PRO C 231 10.05 -36.65 25.07
N GLU C 232 8.93 -36.03 25.43
CA GLU C 232 7.65 -36.73 25.44
C GLU C 232 6.99 -36.75 24.07
N ALA C 233 7.61 -36.16 23.05
CA ALA C 233 6.99 -36.12 21.72
C ALA C 233 6.76 -37.53 21.19
N GLU C 234 5.52 -37.78 20.76
CA GLU C 234 5.10 -39.05 20.16
C GLU C 234 4.98 -38.99 18.65
N VAL C 235 4.64 -37.84 18.09
CA VAL C 235 4.51 -37.67 16.66
C VAL C 235 5.35 -36.47 16.27
N VAL C 236 6.22 -36.64 15.29
CA VAL C 236 7.05 -35.55 14.79
C VAL C 236 6.69 -35.35 13.32
N ILE C 237 6.29 -34.13 12.96
CA ILE C 237 5.91 -33.80 11.60
C ILE C 237 7.02 -32.96 10.99
N PRO C 238 7.62 -33.39 9.88
CA PRO C 238 8.65 -32.57 9.21
C PRO C 238 8.02 -31.58 8.26
N GLY C 239 8.82 -30.60 7.85
CA GLY C 239 8.31 -29.57 6.94
C GLY C 239 7.88 -30.14 5.61
N HIS C 240 8.48 -31.25 5.22
CA HIS C 240 8.19 -31.93 3.97
C HIS C 240 8.20 -33.42 4.24
N GLY C 241 7.15 -34.12 3.86
CA GLY C 241 7.16 -35.57 3.87
C GLY C 241 6.46 -36.21 5.05
N LEU C 242 6.79 -37.48 5.26
CA LEU C 242 6.04 -38.35 6.16
C LEU C 242 6.32 -38.04 7.64
N PRO C 243 5.31 -38.20 8.49
CA PRO C 243 5.54 -38.04 9.94
C PRO C 243 6.22 -39.28 10.51
N GLY C 244 6.65 -39.17 11.77
CA GLY C 244 7.29 -40.27 12.44
C GLY C 244 7.39 -40.07 13.93
N GLY C 245 8.51 -40.49 14.52
CA GLY C 245 8.72 -40.32 15.94
C GLY C 245 9.92 -39.46 16.22
N LEU C 246 10.42 -39.48 17.45
CA LEU C 246 11.61 -38.68 17.76
C LEU C 246 12.82 -39.09 16.94
N ASP C 247 12.75 -40.21 16.21
CA ASP C 247 13.84 -40.61 15.33
C ASP C 247 14.10 -39.55 14.26
N LEU C 248 13.05 -38.93 13.71
CA LEU C 248 13.26 -37.89 12.72
C LEU C 248 14.24 -36.84 13.23
N LEU C 249 14.26 -36.58 14.53
CA LEU C 249 15.18 -35.58 15.04
C LEU C 249 16.62 -36.03 14.87
N GLN C 250 16.90 -37.28 15.24
CA GLN C 250 18.26 -37.79 15.13
C GLN C 250 18.66 -37.92 13.67
N HIS C 251 17.74 -38.39 12.83
CA HIS C 251 18.00 -38.46 11.39
C HIS C 251 18.44 -37.11 10.85
N THR C 252 17.74 -36.04 11.24
CA THR C 252 18.14 -34.69 10.83
C THR C 252 19.57 -34.38 11.28
N ALA C 253 19.87 -34.65 12.55
CA ALA C 253 21.20 -34.31 13.04
C ALA C 253 22.27 -35.07 12.26
N ASN C 254 21.97 -36.32 11.94
CA ASN C 254 22.88 -37.14 11.15
C ASN C 254 23.13 -36.52 9.77
N VAL C 255 22.06 -36.16 9.06
CA VAL C 255 22.23 -35.56 7.75
C VAL C 255 22.96 -34.23 7.87
N VAL C 256 22.52 -33.37 8.80
CA VAL C 256 23.12 -32.04 8.87
C VAL C 256 24.61 -32.12 9.20
N THR C 257 25.03 -33.17 9.94
CA THR C 257 26.46 -33.38 10.25
C THR C 257 27.21 -33.98 9.08
N ALA C 258 26.63 -34.97 8.41
CA ALA C 258 27.29 -35.56 7.24
C ALA C 258 27.53 -34.52 6.15
N HIS C 259 26.49 -33.76 5.81
CA HIS C 259 26.57 -32.71 4.79
C HIS C 259 27.77 -31.79 5.07
N LYS C 260 27.84 -31.26 6.29
CA LYS C 260 28.88 -30.29 6.67
#